data_6Q4R
#
_entry.id   6Q4R
#
_cell.length_a   57.683
_cell.length_b   116.669
_cell.length_c   147.267
_cell.angle_alpha   90.00
_cell.angle_beta   90.00
_cell.angle_gamma   90.00
#
_symmetry.space_group_name_H-M   'P 2 21 21'
#
loop_
_entity.id
_entity.type
_entity.pdbx_description
1 polymer 'Endoplasmic reticulum aminopeptidase 1,Endoplasmic reticulum aminopeptidase 1'
2 branched 2-acetamido-2-deoxy-beta-D-glucopyranose-(1-4)-2-acetamido-2-deoxy-beta-D-glucopyranose
3 branched beta-D-mannopyranose-(1-4)-2-acetamido-2-deoxy-beta-D-glucopyranose-(1-4)-2-acetamido-2-deoxy-beta-D-glucopyranose
4 non-polymer 2-acetamido-2-deoxy-beta-D-glucopyranose
5 non-polymer 'ZINC ION'
6 non-polymer [(1~{R})-1-[[(2~{S})-2-[[(2~{S})-1-azaniumyl-1-oxidanylidene-3-phenyl-propan-2-yl]carbamoyl]pent-4-ynyl]-oxidanyl-phosphoryl]-3-phenyl-propyl]azanium
7 non-polymer 2-[3-(2-HYDROXY-1,1-DIHYDROXYMETHYL-ETHYLAMINO)-PROPYLAMINO]-2-HYDROXYMETHYL-PROPANE-1,3-DIOL
8 non-polymer 1,2-ETHANEDIOL
9 non-polymer D-MALATE
10 non-polymer 'HEXAETHYLENE GLYCOL'
11 non-polymer 'TETRAETHYLENE GLYCOL'
12 non-polymer 'SODIUM ION'
13 water water
#
_entity_poly.entity_id   1
_entity_poly.type   'polypeptide(L)'
_entity_poly.pdbx_seq_one_letter_code
;MVFLPLKWSLATMSFLLSSLLALLTVSTPSWCQSTEASPKRSDGTPFPWNKIRLPEYVIPVHYDLLIHANLTTLTFWGTT
KVEITASQPTSTIILHSHHLQISRATLRKGAGERLSEEPLQVLEHPRQEQIALLAPEPLLVGLPYTVVIHYAGNLSETFH
GFYKSTYRTKEGELRILASTQFEPTAARMAFPCFDEPAFKASFSIKIRREPRHLAISNMPLVKSVTVAEGLIEDHFDVTV
KMSTYLVAFIISDFESVSKITKSGVKVSVYAVPDKINQADYALDAAVTLLEFYEDYFSIPYPLPKQDLAAIPDFQSGAME
NWGLTTYRESALLFDAEKSSASSKLGITMTVAHELAHQWFGNLVTMEWWNDLWLNEGFAKFMEFVSVSVTHPELKVGDYF
FGKCFDAMEVDALNSSHPVSTPVENPAQIREMFDDVSYDKGACILNMLREYLSADAFKSGIVQYLQKHSYKNTKNEDLWD
SMASIGSGGVDVKTMMNTWTLQKGFPLITITVRGRNVHMKQEHYMKGSDGAPDTGYLWHVPLTFITSKSDMVHRFLLKTK
TDVLILPEEVEWIKFNVGMNGYYIVHYEDDGWDSLTGLLKGTHTAVSSNDRASLINNAFQLVSIGKLSIEKALDLSLYLK
HETEIMPVFQGLNELIPMYKLMEKRDMNEVETQFKAFLIRLLRDLIDKQTWTDEGSVSERMLRSQLLLLACVHNYQPCVQ
RAEGYFRKWKESNGNLSLPVDVTLAVFAVGAQSTEGWDFLYSKYQFSLSSTEKSQIEFALCRTQNKEKLQWLLDESFKGD
KIKTQEFPQILTLIGRNPVGYPLAWQFLRKNWNKLVQKFELGSSSIAHMVMGTTNQFSTRTRLEEVKGFFSSLKENGSQL
RCVQQTIETIEENIGWMDKNFDKIRVWLQSEK
;
_entity_poly.pdbx_strand_id   A
#
loop_
_chem_comp.id
_chem_comp.type
_chem_comp.name
_chem_comp.formula
B3P non-polymer 2-[3-(2-HYDROXY-1,1-DIHYDROXYMETHYL-ETHYLAMINO)-PROPYLAMINO]-2-HYDROXYMETHYL-PROPANE-1,3-DIOL 'C11 H26 N2 O6'
BMA D-saccharide, beta linking beta-D-mannopyranose 'C6 H12 O6'
EDO non-polymer 1,2-ETHANEDIOL 'C2 H6 O2'
HJ5 non-polymer [(1~{R})-1-[[(2~{S})-2-[[(2~{S})-1-azaniumyl-1-oxidanylidene-3-phenyl-propan-2-yl]carbamoyl]pent-4-ynyl]-oxidanyl-phosphoryl]-3-phenyl-propyl]azanium 'C24 H32 N3 O4 P 2'
MLT non-polymer D-MALATE 'C4 H6 O5'
NA non-polymer 'SODIUM ION' 'Na 1'
NAG D-saccharide, beta linking 2-acetamido-2-deoxy-beta-D-glucopyranose 'C8 H15 N O6'
P6G non-polymer 'HEXAETHYLENE GLYCOL' 'C12 H26 O7'
PG4 non-polymer 'TETRAETHYLENE GLYCOL' 'C8 H18 O5'
ZN non-polymer 'ZINC ION' 'Zn 2'
#
# COMPACT_ATOMS: atom_id res chain seq x y z
N THR A 45 13.78 -29.80 29.10
CA THR A 45 12.71 -30.33 28.25
C THR A 45 11.58 -29.30 28.09
N PRO A 46 11.12 -28.70 29.19
CA PRO A 46 10.21 -27.57 29.07
C PRO A 46 10.93 -26.39 28.45
N PHE A 47 10.25 -25.67 27.57
CA PHE A 47 10.91 -24.58 26.85
C PHE A 47 11.26 -23.47 27.84
N PRO A 48 12.52 -23.04 27.89
CA PRO A 48 12.98 -22.17 28.98
C PRO A 48 12.65 -20.69 28.81
N TRP A 49 11.91 -20.31 27.78
CA TRP A 49 11.55 -18.91 27.54
C TRP A 49 10.11 -18.87 27.08
N ASN A 50 9.26 -18.09 27.74
CA ASN A 50 7.84 -18.10 27.44
C ASN A 50 7.32 -16.74 26.96
N LYS A 51 8.15 -15.94 26.32
CA LYS A 51 7.71 -14.66 25.77
C LYS A 51 7.89 -14.66 24.27
N ILE A 52 7.03 -13.90 23.58
CA ILE A 52 7.14 -13.80 22.13
C ILE A 52 8.33 -12.95 21.73
N ARG A 53 8.60 -11.87 22.48
CA ARG A 53 9.80 -11.08 22.25
C ARG A 53 11.02 -11.83 22.79
N LEU A 54 12.13 -11.71 22.07
CA LEU A 54 13.38 -12.34 22.45
C LEU A 54 13.94 -11.73 23.73
N PRO A 55 14.83 -12.45 24.41
CA PRO A 55 15.61 -11.84 25.50
C PRO A 55 16.42 -10.67 24.95
N GLU A 56 16.61 -9.65 25.78
CA GLU A 56 17.38 -8.50 25.35
C GLU A 56 18.87 -8.64 25.62
N TYR A 57 19.31 -9.67 26.34
CA TYR A 57 20.67 -9.72 26.85
C TYR A 57 21.61 -10.63 26.06
N VAL A 58 21.18 -11.20 24.94
CA VAL A 58 22.07 -11.85 23.98
C VAL A 58 21.93 -11.09 22.67
N ILE A 59 23.03 -10.54 22.18
CA ILE A 59 23.03 -9.58 21.09
C ILE A 59 23.88 -10.14 19.95
N PRO A 60 23.38 -10.20 18.72
CA PRO A 60 24.23 -10.58 17.59
C PRO A 60 25.08 -9.40 17.12
N VAL A 61 26.25 -9.75 16.58
CA VAL A 61 27.16 -8.79 15.99
C VAL A 61 27.29 -8.99 14.48
N HIS A 62 27.38 -10.24 14.05
CA HIS A 62 27.73 -10.54 12.67
C HIS A 62 27.23 -11.94 12.33
N TYR A 63 26.67 -12.09 11.13
CA TYR A 63 26.21 -13.35 10.62
C TYR A 63 27.04 -13.76 9.42
N ASP A 64 27.42 -15.03 9.38
CA ASP A 64 27.92 -15.70 8.17
C ASP A 64 26.84 -16.66 7.73
N LEU A 65 26.29 -16.43 6.53
CA LEU A 65 25.18 -17.24 6.03
C LEU A 65 25.64 -18.01 4.81
N LEU A 66 25.54 -19.33 4.88
CA LEU A 66 25.78 -20.19 3.74
C LEU A 66 24.44 -20.82 3.39
N ILE A 67 24.01 -20.64 2.14
CA ILE A 67 22.74 -21.17 1.66
C ILE A 67 23.03 -22.00 0.42
N HIS A 68 22.59 -23.26 0.43
CA HIS A 68 22.69 -24.15 -0.73
C HIS A 68 21.27 -24.58 -1.11
N ALA A 69 20.76 -24.03 -2.20
CA ALA A 69 19.39 -24.26 -2.63
C ALA A 69 19.38 -25.17 -3.86
N ASN A 70 18.39 -26.04 -3.92
CA ASN A 70 18.22 -26.89 -5.09
C ASN A 70 16.89 -26.56 -5.74
N LEU A 71 16.96 -25.99 -6.95
CA LEU A 71 15.75 -25.56 -7.64
C LEU A 71 15.05 -26.69 -8.37
N THR A 72 15.58 -27.91 -8.31
CA THR A 72 14.91 -29.08 -8.86
C THR A 72 14.12 -29.82 -7.77
N THR A 73 14.75 -30.09 -6.64
CA THR A 73 14.04 -30.73 -5.53
C THR A 73 13.33 -29.74 -4.63
N LEU A 74 13.56 -28.43 -4.80
CA LEU A 74 12.87 -27.37 -4.06
C LEU A 74 13.19 -27.43 -2.56
N THR A 75 14.45 -27.72 -2.26
CA THR A 75 14.96 -27.82 -0.90
C THR A 75 16.19 -26.94 -0.76
N PHE A 76 16.53 -26.62 0.48
CA PHE A 76 17.78 -25.90 0.70
C PHE A 76 18.42 -26.34 2.00
N TRP A 77 19.74 -26.16 2.07
CA TRP A 77 20.56 -26.40 3.23
C TRP A 77 21.23 -25.09 3.63
N GLY A 78 21.52 -24.94 4.91
CA GLY A 78 22.17 -23.74 5.38
C GLY A 78 23.11 -24.04 6.53
N THR A 79 24.12 -23.18 6.66
CA THR A 79 24.97 -23.12 7.83
C THR A 79 25.02 -21.66 8.23
N THR A 80 24.57 -21.37 9.45
CA THR A 80 24.50 -20.01 9.96
C THR A 80 25.49 -19.91 11.10
N LYS A 81 26.39 -18.94 11.03
CA LYS A 81 27.32 -18.64 12.11
C LYS A 81 27.04 -17.21 12.55
N VAL A 82 26.77 -17.02 13.83
CA VAL A 82 26.41 -15.72 14.35
C VAL A 82 27.29 -15.43 15.53
N GLU A 83 28.06 -14.34 15.45
CA GLU A 83 28.85 -13.86 16.57
C GLU A 83 27.94 -13.11 17.53
N ILE A 84 28.03 -13.45 18.82
CA ILE A 84 27.12 -12.93 19.82
C ILE A 84 27.91 -12.55 21.06
N THR A 85 27.30 -11.68 21.87
CA THR A 85 27.78 -11.39 23.21
C THR A 85 26.58 -11.40 24.16
N ALA A 86 26.86 -11.63 25.44
CA ALA A 86 25.80 -11.72 26.44
C ALA A 86 26.03 -10.65 27.51
N SER A 87 24.97 -9.88 27.81
CA SER A 87 25.03 -8.87 28.86
CA SER A 87 25.05 -8.87 28.86
C SER A 87 24.89 -9.50 30.24
N GLN A 88 24.12 -10.57 30.35
CA GLN A 88 23.93 -11.31 31.57
C GLN A 88 24.46 -12.72 31.40
N PRO A 89 25.18 -13.26 32.39
CA PRO A 89 25.60 -14.66 32.28
C PRO A 89 24.38 -15.54 32.11
N THR A 90 24.31 -16.19 30.95
CA THR A 90 23.21 -17.07 30.61
C THR A 90 23.78 -18.36 30.05
N SER A 91 23.03 -19.44 30.21
CA SER A 91 23.39 -20.72 29.60
C SER A 91 22.46 -21.11 28.46
N THR A 92 21.43 -20.33 28.18
CA THR A 92 20.49 -20.59 27.10
C THR A 92 20.52 -19.45 26.11
N ILE A 93 20.64 -19.78 24.83
CA ILE A 93 20.51 -18.81 23.75
C ILE A 93 19.20 -19.08 23.04
N ILE A 94 18.34 -18.08 22.97
CA ILE A 94 17.02 -18.16 22.34
CA ILE A 94 17.05 -18.21 22.32
C ILE A 94 17.06 -17.37 21.05
N LEU A 95 16.59 -17.94 19.96
CA LEU A 95 16.52 -17.17 18.72
C LEU A 95 15.35 -17.71 17.89
N HIS A 96 15.12 -17.05 16.75
CA HIS A 96 13.97 -17.38 15.93
C HIS A 96 14.31 -18.44 14.90
N SER A 97 13.34 -19.31 14.63
CA SER A 97 13.44 -20.36 13.62
C SER A 97 12.04 -20.89 13.33
N HIS A 98 11.69 -20.99 12.05
CA HIS A 98 10.31 -21.33 11.68
C HIS A 98 10.37 -22.28 10.48
N HIS A 99 9.92 -23.51 10.68
CA HIS A 99 9.87 -24.50 9.60
C HIS A 99 11.27 -24.87 9.09
N LEU A 100 12.28 -24.75 9.94
CA LEU A 100 13.62 -25.20 9.64
C LEU A 100 13.92 -26.44 10.47
N GLN A 101 14.58 -27.41 9.86
CA GLN A 101 14.99 -28.63 10.55
C GLN A 101 16.44 -28.44 11.00
N ILE A 102 16.63 -28.29 12.32
CA ILE A 102 17.97 -28.03 12.86
C ILE A 102 18.66 -29.38 13.08
N SER A 103 19.74 -29.62 12.35
CA SER A 103 20.47 -30.86 12.56
C SER A 103 21.51 -30.74 13.65
N ARG A 104 22.15 -29.58 13.80
CA ARG A 104 23.27 -29.48 14.72
C ARG A 104 23.51 -28.02 15.10
N ALA A 105 23.87 -27.79 16.35
CA ALA A 105 24.24 -26.46 16.82
C ALA A 105 25.43 -26.60 17.76
N THR A 106 26.38 -25.68 17.65
CA THR A 106 27.58 -25.73 18.49
C THR A 106 27.97 -24.32 18.88
N LEU A 107 28.71 -24.22 19.99
CA LEU A 107 29.15 -22.97 20.57
C LEU A 107 30.67 -22.89 20.48
N ARG A 108 31.18 -21.83 19.84
CA ARG A 108 32.61 -21.61 19.72
C ARG A 108 33.01 -20.41 20.57
N LYS A 109 34.14 -20.53 21.26
CA LYS A 109 34.66 -19.42 22.06
C LYS A 109 36.15 -19.19 21.79
N ARG A 114 40.69 -20.53 23.05
CA ARG A 114 41.72 -20.97 22.10
C ARG A 114 41.07 -21.72 20.95
N LEU A 115 40.05 -21.11 20.37
CA LEU A 115 39.13 -21.77 19.46
C LEU A 115 38.67 -23.11 20.06
N SER A 116 37.96 -22.98 21.19
CA SER A 116 37.23 -24.07 21.78
C SER A 116 35.87 -24.20 21.11
N GLU A 117 35.28 -25.40 21.23
CA GLU A 117 34.00 -25.68 20.58
C GLU A 117 33.28 -26.73 21.41
N GLU A 118 31.96 -26.58 21.53
CA GLU A 118 31.17 -27.52 22.32
C GLU A 118 29.76 -27.59 21.77
N PRO A 119 29.09 -28.73 21.95
CA PRO A 119 27.75 -28.90 21.39
C PRO A 119 26.66 -28.26 22.24
N LEU A 120 25.62 -27.79 21.57
CA LEU A 120 24.47 -27.16 22.19
C LEU A 120 23.24 -28.06 22.01
N GLN A 121 22.50 -28.29 23.09
CA GLN A 121 21.22 -28.97 22.98
C GLN A 121 20.19 -28.03 22.37
N VAL A 122 19.31 -28.58 21.55
CA VAL A 122 18.37 -27.80 20.76
C VAL A 122 16.94 -28.14 21.21
N LEU A 123 16.22 -27.15 21.71
CA LEU A 123 14.80 -27.24 22.00
C LEU A 123 14.04 -26.32 21.06
N GLU A 124 12.78 -26.67 20.79
CA GLU A 124 11.97 -25.88 19.86
C GLU A 124 10.62 -25.56 20.48
N HIS A 125 10.11 -24.37 20.16
CA HIS A 125 8.77 -23.94 20.54
C HIS A 125 8.14 -23.39 19.27
N PRO A 126 7.51 -24.24 18.46
CA PRO A 126 7.02 -23.77 17.15
C PRO A 126 6.03 -22.63 17.25
N ARG A 127 5.19 -22.59 18.28
CA ARG A 127 4.20 -21.53 18.39
C ARG A 127 4.87 -20.16 18.54
N GLN A 128 5.91 -20.08 19.36
CA GLN A 128 6.70 -18.87 19.53
C GLN A 128 7.72 -18.67 18.43
N GLU A 129 7.81 -19.62 17.48
CA GLU A 129 8.74 -19.54 16.36
C GLU A 129 10.18 -19.34 16.86
N GLN A 130 10.50 -20.03 17.96
CA GLN A 130 11.80 -19.93 18.61
C GLN A 130 12.44 -21.31 18.76
N ILE A 131 13.76 -21.29 18.92
CA ILE A 131 14.52 -22.45 19.36
C ILE A 131 15.38 -22.02 20.54
N ALA A 132 15.70 -22.97 21.42
CA ALA A 132 16.58 -22.73 22.54
C ALA A 132 17.83 -23.57 22.39
N LEU A 133 18.99 -22.94 22.53
CA LEU A 133 20.28 -23.61 22.47
C LEU A 133 20.85 -23.59 23.89
N LEU A 134 20.95 -24.75 24.50
CA LEU A 134 21.34 -24.89 25.90
C LEU A 134 22.82 -25.25 25.98
N ALA A 135 23.59 -24.42 26.66
CA ALA A 135 25.02 -24.64 26.75
C ALA A 135 25.38 -25.38 28.04
N PRO A 136 26.48 -26.14 28.03
CA PRO A 136 26.89 -26.83 29.26
C PRO A 136 27.34 -25.87 30.35
N GLU A 137 28.10 -24.84 29.98
CA GLU A 137 28.56 -23.81 30.90
C GLU A 137 27.81 -22.51 30.65
N PRO A 138 27.49 -21.75 31.69
CA PRO A 138 26.98 -20.39 31.47
C PRO A 138 27.96 -19.57 30.65
N LEU A 139 27.43 -18.77 29.73
CA LEU A 139 28.27 -17.88 28.95
C LEU A 139 28.84 -16.78 29.84
N LEU A 140 30.05 -16.35 29.51
CA LEU A 140 30.73 -15.27 30.23
C LEU A 140 30.34 -13.92 29.64
N VAL A 141 29.94 -12.98 30.50
CA VAL A 141 29.50 -11.68 30.03
C VAL A 141 30.64 -10.97 29.32
N GLY A 142 30.29 -10.27 28.23
CA GLY A 142 31.25 -9.48 27.49
C GLY A 142 32.17 -10.24 26.57
N LEU A 143 32.17 -11.58 26.62
CA LEU A 143 33.10 -12.26 25.73
C LEU A 143 32.41 -12.66 24.43
N PRO A 144 33.11 -12.56 23.30
CA PRO A 144 32.52 -12.92 22.00
C PRO A 144 32.47 -14.43 21.84
N TYR A 145 31.28 -14.94 21.54
CA TYR A 145 31.06 -16.33 21.14
C TYR A 145 30.58 -16.37 19.70
N THR A 146 30.67 -17.54 19.10
CA THR A 146 30.08 -17.79 17.79
C THR A 146 29.18 -19.01 17.89
N VAL A 147 27.92 -18.85 17.46
CA VAL A 147 26.95 -19.93 17.43
C VAL A 147 26.88 -20.46 16.00
N VAL A 148 27.05 -21.77 15.83
CA VAL A 148 27.05 -22.38 14.51
C VAL A 148 25.85 -23.33 14.42
N ILE A 149 24.98 -23.09 13.45
CA ILE A 149 23.77 -23.87 13.30
C ILE A 149 23.71 -24.43 11.89
N HIS A 150 23.50 -25.74 11.78
CA HIS A 150 23.30 -26.41 10.51
C HIS A 150 21.85 -26.86 10.39
N TYR A 151 21.25 -26.64 9.22
CA TYR A 151 19.81 -26.86 9.12
C TYR A 151 19.43 -27.13 7.68
N ALA A 152 18.18 -27.56 7.51
CA ALA A 152 17.60 -27.82 6.19
C ALA A 152 16.19 -27.27 6.17
N GLY A 153 15.71 -26.96 4.97
CA GLY A 153 14.34 -26.52 4.79
C GLY A 153 13.87 -26.82 3.39
N ASN A 154 12.59 -26.57 3.18
CA ASN A 154 11.95 -26.67 1.87
C ASN A 154 11.65 -25.26 1.37
N LEU A 155 11.89 -25.01 0.08
CA LEU A 155 11.47 -23.71 -0.45
C LEU A 155 10.00 -23.49 -0.16
N SER A 156 9.66 -22.28 0.24
CA SER A 156 8.29 -21.96 0.56
C SER A 156 7.44 -21.95 -0.69
N GLU A 157 6.20 -22.41 -0.57
CA GLU A 157 5.24 -22.28 -1.66
CA GLU A 157 5.19 -22.31 -1.62
C GLU A 157 4.31 -21.07 -1.49
N THR A 158 4.60 -20.18 -0.53
CA THR A 158 3.88 -18.94 -0.36
C THR A 158 4.63 -17.82 -1.09
N PHE A 159 4.39 -16.57 -0.69
CA PHE A 159 5.13 -15.42 -1.19
C PHE A 159 6.09 -14.85 -0.15
N HIS A 160 6.36 -15.58 0.93
CA HIS A 160 7.30 -15.12 1.95
C HIS A 160 8.29 -16.23 2.30
N GLY A 161 9.32 -15.83 3.07
CA GLY A 161 10.44 -16.70 3.29
C GLY A 161 11.31 -16.78 2.04
N PHE A 162 11.99 -17.92 1.90
CA PHE A 162 12.79 -18.28 0.74
C PHE A 162 11.86 -19.10 -0.15
N TYR A 163 11.31 -18.48 -1.20
CA TYR A 163 10.16 -19.05 -1.87
C TYR A 163 10.39 -19.26 -3.36
N LYS A 164 9.56 -20.15 -3.92
CA LYS A 164 9.63 -20.55 -5.32
C LYS A 164 8.82 -19.58 -6.17
N SER A 165 9.41 -19.14 -7.28
CA SER A 165 8.71 -18.33 -8.28
C SER A 165 8.90 -19.02 -9.62
N THR A 166 7.91 -18.89 -10.50
CA THR A 166 7.98 -19.56 -11.80
C THR A 166 7.56 -18.61 -12.91
N TYR A 167 7.93 -18.97 -14.14
CA TYR A 167 7.44 -18.26 -15.31
C TYR A 167 7.57 -19.22 -16.47
N ARG A 168 6.92 -18.87 -17.58
CA ARG A 168 6.97 -19.69 -18.79
C ARG A 168 7.69 -18.93 -19.90
N THR A 169 8.53 -19.64 -20.64
CA THR A 169 9.17 -19.08 -21.82
C THR A 169 8.16 -18.98 -22.96
N LYS A 170 8.55 -18.26 -24.02
CA LYS A 170 7.63 -18.03 -25.12
C LYS A 170 7.12 -19.32 -25.76
N GLU A 171 7.85 -20.43 -25.64
CA GLU A 171 7.38 -21.70 -26.18
C GLU A 171 6.74 -22.60 -25.11
N GLY A 172 6.46 -22.06 -23.92
CA GLY A 172 5.72 -22.78 -22.91
C GLY A 172 6.54 -23.55 -21.90
N GLU A 173 7.86 -23.39 -21.89
CA GLU A 173 8.71 -24.09 -20.94
C GLU A 173 8.62 -23.43 -19.56
N LEU A 174 8.35 -24.24 -18.53
CA LEU A 174 8.31 -23.74 -17.17
C LEU A 174 9.71 -23.56 -16.61
N ARG A 175 9.99 -22.37 -16.09
CA ARG A 175 11.26 -22.05 -15.46
C ARG A 175 11.01 -21.73 -13.99
N ILE A 176 11.97 -22.08 -13.14
CA ILE A 176 11.87 -21.89 -11.69
C ILE A 176 13.01 -21.00 -11.23
N LEU A 177 12.68 -20.07 -10.33
CA LEU A 177 13.67 -19.30 -9.62
C LEU A 177 13.32 -19.35 -8.14
N ALA A 178 14.25 -18.91 -7.30
CA ALA A 178 14.02 -18.85 -5.86
C ALA A 178 14.35 -17.43 -5.41
N SER A 179 13.47 -16.83 -4.60
CA SER A 179 13.61 -15.44 -4.21
C SER A 179 13.23 -15.35 -2.74
N THR A 180 13.56 -14.21 -2.13
CA THR A 180 13.27 -14.02 -0.72
C THR A 180 12.29 -12.88 -0.52
N GLN A 181 11.47 -12.98 0.54
CA GLN A 181 10.71 -11.85 1.05
C GLN A 181 10.61 -12.05 2.55
N PHE A 182 11.29 -11.21 3.31
CA PHE A 182 11.41 -11.47 4.74
C PHE A 182 10.61 -10.53 5.62
N GLU A 183 10.38 -9.31 5.19
CA GLU A 183 9.65 -8.37 6.07
C GLU A 183 8.20 -8.79 6.19
N PRO A 184 7.62 -8.82 7.41
CA PRO A 184 8.29 -8.43 8.65
C PRO A 184 9.04 -9.55 9.39
N THR A 185 8.49 -10.79 9.43
CA THR A 185 9.01 -11.78 10.37
C THR A 185 9.37 -13.11 9.70
N ALA A 186 9.82 -13.08 8.44
CA ALA A 186 10.06 -14.32 7.72
C ALA A 186 11.54 -14.63 7.47
N ALA A 187 12.48 -13.76 7.86
CA ALA A 187 13.89 -14.17 7.78
C ALA A 187 14.12 -15.49 8.51
N ARG A 188 13.45 -15.68 9.64
CA ARG A 188 13.58 -16.89 10.45
C ARG A 188 13.13 -18.14 9.72
N MET A 189 12.50 -18.01 8.54
CA MET A 189 12.15 -19.16 7.71
C MET A 189 13.25 -19.51 6.72
N ALA A 190 14.31 -18.70 6.64
CA ALA A 190 15.44 -18.93 5.75
C ALA A 190 16.73 -19.18 6.51
N PHE A 191 16.89 -18.60 7.71
CA PHE A 191 18.05 -18.91 8.53
C PHE A 191 17.69 -18.55 9.96
N PRO A 192 18.12 -19.34 10.94
CA PRO A 192 17.88 -18.96 12.34
C PRO A 192 18.62 -17.67 12.69
N CYS A 193 17.96 -16.82 13.47
CA CYS A 193 18.49 -15.48 13.69
C CYS A 193 17.71 -14.82 14.81
N PHE A 194 18.26 -13.71 15.30
CA PHE A 194 17.54 -12.83 16.23
C PHE A 194 16.66 -11.94 15.35
N ASP A 195 15.43 -12.41 15.09
CA ASP A 195 14.63 -11.85 14.01
C ASP A 195 13.69 -10.74 14.52
N GLU A 196 14.29 -9.70 15.08
CA GLU A 196 13.60 -8.48 15.45
C GLU A 196 14.43 -7.31 14.93
N PRO A 197 13.79 -6.24 14.45
CA PRO A 197 14.52 -5.22 13.67
C PRO A 197 15.55 -4.44 14.46
N ALA A 198 15.51 -4.47 15.79
CA ALA A 198 16.49 -3.74 16.57
C ALA A 198 17.79 -4.52 16.82
N PHE A 199 17.82 -5.82 16.50
CA PHE A 199 19.04 -6.61 16.61
C PHE A 199 19.82 -6.53 15.30
N LYS A 200 20.38 -5.34 15.05
CA LYS A 200 21.09 -5.14 13.79
C LYS A 200 22.46 -5.82 13.82
N ALA A 201 22.95 -6.16 12.64
CA ALA A 201 24.23 -6.84 12.50
C ALA A 201 24.67 -6.73 11.05
N SER A 202 25.93 -7.09 10.78
CA SER A 202 26.41 -7.23 9.42
C SER A 202 26.23 -8.67 8.95
N PHE A 203 26.14 -8.85 7.63
CA PHE A 203 25.83 -10.14 7.04
C PHE A 203 26.81 -10.43 5.91
N SER A 204 27.48 -11.57 6.01
CA SER A 204 28.31 -12.09 4.92
C SER A 204 27.59 -13.31 4.35
N ILE A 205 27.13 -13.19 3.11
CA ILE A 205 26.28 -14.21 2.50
C ILE A 205 27.06 -14.96 1.43
N LYS A 206 26.93 -16.29 1.44
CA LYS A 206 27.50 -17.17 0.43
C LYS A 206 26.39 -18.07 -0.10
N ILE A 207 26.32 -18.22 -1.43
CA ILE A 207 25.26 -18.98 -2.08
CA ILE A 207 25.26 -18.97 -2.09
C ILE A 207 25.89 -20.04 -2.96
N ARG A 208 25.47 -21.27 -2.78
CA ARG A 208 25.92 -22.38 -3.62
C ARG A 208 24.85 -22.68 -4.66
N ARG A 209 25.26 -22.83 -5.91
CA ARG A 209 24.33 -22.84 -7.04
C ARG A 209 24.93 -23.63 -8.18
N GLU A 210 24.08 -23.99 -9.13
CA GLU A 210 24.51 -24.61 -10.37
C GLU A 210 25.09 -23.57 -11.31
N PRO A 211 26.01 -23.98 -12.19
CA PRO A 211 26.59 -23.01 -13.14
C PRO A 211 25.56 -22.29 -14.00
N ARG A 212 24.45 -22.94 -14.31
CA ARG A 212 23.41 -22.35 -15.15
C ARG A 212 22.66 -21.21 -14.48
N HIS A 213 22.81 -21.03 -13.16
CA HIS A 213 22.06 -20.03 -12.44
C HIS A 213 22.94 -18.85 -12.07
N LEU A 214 22.29 -17.69 -11.97
CA LEU A 214 22.86 -16.47 -11.42
C LEU A 214 22.35 -16.30 -10.00
N ALA A 215 23.25 -15.90 -9.10
CA ALA A 215 22.84 -15.49 -7.75
C ALA A 215 23.19 -14.02 -7.56
N ILE A 216 22.26 -13.28 -6.94
CA ILE A 216 22.50 -11.92 -6.50
C ILE A 216 21.99 -11.76 -5.08
N SER A 217 22.54 -10.77 -4.38
CA SER A 217 22.21 -10.57 -2.97
C SER A 217 22.30 -9.07 -2.67
N ASN A 218 22.38 -8.72 -1.38
CA ASN A 218 22.44 -7.30 -1.01
C ASN A 218 23.69 -6.61 -1.56
N MET A 219 24.83 -7.24 -1.46
CA MET A 219 26.12 -6.66 -1.80
C MET A 219 26.68 -7.22 -3.09
N PRO A 220 27.71 -6.59 -3.63
CA PRO A 220 28.32 -7.09 -4.87
C PRO A 220 28.90 -8.49 -4.70
N LEU A 221 28.92 -9.23 -5.79
CA LEU A 221 29.62 -10.51 -5.86
C LEU A 221 31.12 -10.25 -5.87
N VAL A 222 31.85 -10.79 -4.89
CA VAL A 222 33.29 -10.56 -4.82
C VAL A 222 34.11 -11.77 -5.23
N LYS A 223 33.53 -12.97 -5.27
CA LYS A 223 34.30 -14.16 -5.65
C LYS A 223 33.32 -15.29 -5.93
N SER A 224 33.65 -16.11 -6.93
CA SER A 224 32.93 -17.35 -7.22
C SER A 224 33.96 -18.47 -7.26
N VAL A 225 33.68 -19.57 -6.56
CA VAL A 225 34.62 -20.67 -6.44
C VAL A 225 33.91 -21.98 -6.75
N THR A 226 34.46 -22.74 -7.69
CA THR A 226 33.91 -24.07 -7.96
C THR A 226 34.23 -24.98 -6.79
N VAL A 227 33.19 -25.48 -6.11
CA VAL A 227 33.42 -26.26 -4.90
C VAL A 227 33.23 -27.76 -5.12
N ALA A 228 32.54 -28.16 -6.19
CA ALA A 228 32.39 -29.57 -6.54
C ALA A 228 31.92 -29.63 -7.98
N GLU A 229 31.72 -30.83 -8.47
CA GLU A 229 31.22 -30.98 -9.84
C GLU A 229 29.88 -30.29 -9.97
N GLY A 230 29.80 -29.31 -10.86
CA GLY A 230 28.54 -28.63 -11.10
C GLY A 230 28.01 -27.83 -9.93
N LEU A 231 28.88 -27.38 -9.03
CA LEU A 231 28.47 -26.60 -7.86
C LEU A 231 29.45 -25.45 -7.66
N ILE A 232 28.93 -24.22 -7.73
CA ILE A 232 29.73 -23.02 -7.56
CA ILE A 232 29.73 -23.01 -7.57
C ILE A 232 29.28 -22.31 -6.29
N GLU A 233 30.23 -21.79 -5.53
CA GLU A 233 29.95 -21.03 -4.32
C GLU A 233 30.25 -19.56 -4.58
N ASP A 234 29.21 -18.73 -4.51
CA ASP A 234 29.32 -17.28 -4.68
C ASP A 234 29.54 -16.63 -3.31
N HIS A 235 30.52 -15.74 -3.23
CA HIS A 235 30.80 -14.96 -2.02
C HIS A 235 30.39 -13.52 -2.28
N PHE A 236 29.49 -13.00 -1.45
CA PHE A 236 29.11 -11.60 -1.54
C PHE A 236 29.76 -10.80 -0.41
N ASP A 237 30.03 -9.53 -0.68
CA ASP A 237 30.71 -8.68 0.29
C ASP A 237 29.84 -8.53 1.53
N VAL A 238 30.48 -8.17 2.64
CA VAL A 238 29.77 -8.02 3.91
C VAL A 238 28.86 -6.79 3.87
N THR A 239 27.64 -6.92 4.41
CA THR A 239 26.73 -5.78 4.46
C THR A 239 27.16 -4.81 5.54
N VAL A 240 26.58 -3.61 5.48
CA VAL A 240 26.62 -2.68 6.60
C VAL A 240 25.71 -3.25 7.68
N LYS A 241 25.74 -2.65 8.86
CA LYS A 241 24.83 -3.07 9.93
C LYS A 241 23.39 -2.83 9.50
N MET A 242 22.55 -3.85 9.64
CA MET A 242 21.17 -3.74 9.18
C MET A 242 20.32 -4.81 9.87
N SER A 243 19.01 -4.68 9.69
CA SER A 243 18.05 -5.59 10.29
C SER A 243 17.93 -6.87 9.46
N THR A 244 17.58 -7.97 10.13
CA THR A 244 17.46 -9.26 9.44
C THR A 244 16.44 -9.21 8.30
N TYR A 245 15.38 -8.41 8.44
CA TYR A 245 14.33 -8.47 7.42
C TYR A 245 14.77 -7.92 6.07
N LEU A 246 15.92 -7.27 6.02
CA LEU A 246 16.45 -6.68 4.78
C LEU A 246 17.39 -7.61 4.02
N VAL A 247 17.76 -8.76 4.59
CA VAL A 247 18.57 -9.73 3.86
C VAL A 247 17.79 -10.22 2.65
N ALA A 248 18.48 -10.38 1.52
CA ALA A 248 17.82 -10.84 0.32
C ALA A 248 18.78 -11.63 -0.55
N PHE A 249 18.25 -12.61 -1.26
CA PHE A 249 19.02 -13.30 -2.27
C PHE A 249 18.06 -13.92 -3.27
N ILE A 250 18.54 -14.05 -4.50
CA ILE A 250 17.73 -14.53 -5.61
C ILE A 250 18.62 -15.43 -6.47
N ILE A 251 18.13 -16.60 -6.80
CA ILE A 251 18.81 -17.54 -7.69
C ILE A 251 17.91 -17.72 -8.90
N SER A 252 18.40 -17.32 -10.07
CA SER A 252 17.53 -17.20 -11.25
C SER A 252 18.38 -17.32 -12.52
N ASP A 253 17.74 -17.14 -13.68
CA ASP A 253 18.44 -16.88 -14.92
C ASP A 253 18.06 -15.49 -15.46
N PHE A 254 17.83 -14.55 -14.56
CA PHE A 254 17.54 -13.16 -14.92
C PHE A 254 18.63 -12.58 -15.81
N GLU A 255 18.22 -11.66 -16.70
CA GLU A 255 19.12 -10.74 -17.38
C GLU A 255 19.05 -9.36 -16.73
N SER A 256 19.98 -8.47 -17.13
CA SER A 256 20.04 -7.17 -16.48
C SER A 256 20.48 -6.08 -17.46
N VAL A 257 20.20 -4.83 -17.08
CA VAL A 257 20.73 -3.63 -17.70
C VAL A 257 21.21 -2.72 -16.57
N SER A 258 22.21 -1.89 -16.85
CA SER A 258 22.86 -1.12 -15.79
C SER A 258 23.18 0.30 -16.27
N LYS A 259 23.36 1.17 -15.28
CA LYS A 259 23.68 2.57 -15.46
C LYS A 259 24.33 3.03 -14.15
N ILE A 260 25.28 3.96 -14.24
CA ILE A 260 26.02 4.43 -13.06
C ILE A 260 25.54 5.81 -12.66
N THR A 261 25.32 6.01 -11.36
CA THR A 261 24.95 7.34 -10.87
C THR A 261 26.15 8.27 -10.92
N LYS A 262 25.86 9.57 -10.81
CA LYS A 262 26.94 10.55 -10.74
C LYS A 262 27.79 10.33 -9.50
N SER A 263 27.24 9.72 -8.45
CA SER A 263 28.01 9.40 -7.26
C SER A 263 28.76 8.06 -7.37
N GLY A 264 28.69 7.38 -8.51
CA GLY A 264 29.44 6.14 -8.72
C GLY A 264 28.72 4.86 -8.34
N VAL A 265 27.44 4.92 -7.96
CA VAL A 265 26.68 3.72 -7.62
C VAL A 265 26.24 3.04 -8.92
N LYS A 266 26.45 1.73 -8.99
CA LYS A 266 25.97 0.95 -10.13
C LYS A 266 24.52 0.52 -9.88
N VAL A 267 23.60 1.02 -10.71
CA VAL A 267 22.19 0.68 -10.60
C VAL A 267 21.86 -0.29 -11.73
N SER A 268 21.20 -1.39 -11.39
CA SER A 268 20.83 -2.39 -12.38
C SER A 268 19.37 -2.77 -12.20
N VAL A 269 18.68 -3.05 -13.31
CA VAL A 269 17.38 -3.69 -13.28
C VAL A 269 17.55 -5.10 -13.80
N TYR A 270 17.00 -6.07 -13.07
CA TYR A 270 16.98 -7.49 -13.43
C TYR A 270 15.56 -7.93 -13.76
N ALA A 271 15.40 -8.77 -14.79
CA ALA A 271 14.11 -9.32 -15.16
C ALA A 271 14.33 -10.61 -15.92
N VAL A 272 13.25 -11.37 -16.11
CA VAL A 272 13.34 -12.59 -16.91
C VAL A 272 13.76 -12.20 -18.31
N PRO A 273 14.49 -13.06 -19.03
CA PRO A 273 15.04 -12.65 -20.33
C PRO A 273 14.01 -12.09 -21.30
N ASP A 274 12.81 -12.66 -21.34
CA ASP A 274 11.76 -12.22 -22.25
C ASP A 274 11.21 -10.83 -21.91
N LYS A 275 11.53 -10.28 -20.74
CA LYS A 275 11.00 -8.99 -20.36
C LYS A 275 12.06 -7.93 -20.08
N ILE A 276 13.35 -8.24 -20.24
CA ILE A 276 14.38 -7.26 -19.89
C ILE A 276 14.32 -6.03 -20.80
N ASN A 277 13.76 -6.16 -22.00
CA ASN A 277 13.66 -4.95 -22.83
C ASN A 277 12.58 -3.99 -22.33
N GLN A 278 11.94 -4.28 -21.21
CA GLN A 278 10.98 -3.38 -20.60
C GLN A 278 11.55 -2.69 -19.38
N ALA A 279 12.86 -2.82 -19.15
CA ALA A 279 13.46 -2.34 -17.92
C ALA A 279 14.03 -0.93 -18.04
N ASP A 280 14.05 -0.35 -19.25
CA ASP A 280 14.77 0.89 -19.46
C ASP A 280 14.18 2.05 -18.66
N TYR A 281 12.85 2.15 -18.61
CA TYR A 281 12.26 3.29 -17.91
C TYR A 281 12.62 3.26 -16.43
N ALA A 282 12.42 2.10 -15.79
CA ALA A 282 12.71 1.99 -14.36
C ALA A 282 14.19 2.26 -14.07
N LEU A 283 15.08 1.78 -14.94
CA LEU A 283 16.50 2.02 -14.75
C LEU A 283 16.79 3.52 -14.73
N ASP A 284 16.31 4.26 -15.74
CA ASP A 284 16.49 5.71 -15.73
C ASP A 284 15.83 6.36 -14.52
N ALA A 285 14.61 5.94 -14.17
CA ALA A 285 13.95 6.53 -13.01
C ALA A 285 14.72 6.27 -11.73
N ALA A 286 15.28 5.07 -11.59
CA ALA A 286 16.01 4.72 -10.36
C ALA A 286 17.29 5.53 -10.21
N VAL A 287 18.00 5.76 -11.31
CA VAL A 287 19.21 6.58 -11.24
C VAL A 287 18.85 8.00 -10.83
N THR A 288 17.85 8.61 -11.50
CA THR A 288 17.45 9.97 -11.17
C THR A 288 16.97 10.09 -9.73
N LEU A 289 16.22 9.09 -9.25
CA LEU A 289 15.66 9.19 -7.91
C LEU A 289 16.72 8.93 -6.84
N LEU A 290 17.61 7.97 -7.04
CA LEU A 290 18.71 7.78 -6.10
C LEU A 290 19.57 9.03 -6.01
N GLU A 291 19.88 9.65 -7.15
CA GLU A 291 20.63 10.90 -7.13
C GLU A 291 19.86 11.98 -6.36
N PHE A 292 18.54 12.03 -6.53
CA PHE A 292 17.76 13.04 -5.80
C PHE A 292 17.92 12.86 -4.30
N TYR A 293 17.72 11.65 -3.81
CA TYR A 293 17.75 11.44 -2.36
C TYR A 293 19.13 11.75 -1.80
N GLU A 294 20.19 11.32 -2.50
CA GLU A 294 21.54 11.60 -2.02
C GLU A 294 21.78 13.10 -1.90
N ASP A 295 21.39 13.86 -2.92
CA ASP A 295 21.59 15.31 -2.88
CA ASP A 295 21.59 15.31 -2.88
C ASP A 295 20.64 15.98 -1.91
N TYR A 296 19.41 15.47 -1.78
CA TYR A 296 18.43 16.11 -0.92
C TYR A 296 18.81 15.98 0.55
N PHE A 297 19.16 14.78 0.99
CA PHE A 297 19.57 14.59 2.38
C PHE A 297 21.04 14.88 2.62
N SER A 298 21.86 14.93 1.57
CA SER A 298 23.31 15.05 1.72
C SER A 298 23.88 13.91 2.55
N ILE A 299 23.21 12.76 2.49
CA ILE A 299 23.71 11.53 3.08
C ILE A 299 23.84 10.51 1.95
N PRO A 300 25.06 10.23 1.50
CA PRO A 300 25.23 9.33 0.35
C PRO A 300 24.65 7.94 0.62
N TYR A 301 24.19 7.32 -0.45
CA TYR A 301 23.90 5.89 -0.42
C TYR A 301 25.18 5.12 -0.15
N PRO A 302 25.22 4.25 0.87
CA PRO A 302 26.51 3.74 1.36
C PRO A 302 27.02 2.50 0.65
N LEU A 303 26.24 1.90 -0.24
CA LEU A 303 26.61 0.65 -0.86
C LEU A 303 27.10 0.88 -2.28
N PRO A 304 27.90 -0.05 -2.82
CA PRO A 304 28.44 0.14 -4.18
C PRO A 304 27.40 0.01 -5.27
N LYS A 305 26.28 -0.66 -5.03
CA LYS A 305 25.32 -0.92 -6.09
C LYS A 305 23.89 -0.99 -5.54
N GLN A 306 22.92 -0.82 -6.44
CA GLN A 306 21.51 -0.91 -6.12
C GLN A 306 20.86 -1.71 -7.23
N ASP A 307 20.28 -2.84 -6.89
CA ASP A 307 19.58 -3.67 -7.86
C ASP A 307 18.07 -3.52 -7.70
N LEU A 308 17.36 -3.54 -8.82
CA LEU A 308 15.91 -3.56 -8.85
C LEU A 308 15.51 -4.82 -9.62
N ALA A 309 14.90 -5.77 -8.92
CA ALA A 309 14.61 -7.08 -9.50
C ALA A 309 13.10 -7.27 -9.66
N ALA A 310 12.67 -7.59 -10.90
CA ALA A 310 11.26 -7.85 -11.18
C ALA A 310 10.99 -9.34 -11.00
N ILE A 311 10.21 -9.70 -9.98
CA ILE A 311 9.98 -11.10 -9.61
C ILE A 311 8.66 -11.56 -10.23
N PRO A 312 8.61 -12.72 -10.90
CA PRO A 312 7.33 -13.15 -11.52
C PRO A 312 6.20 -13.40 -10.54
N ASP A 313 6.48 -13.69 -9.27
CA ASP A 313 5.47 -13.91 -8.25
C ASP A 313 5.85 -13.08 -7.04
N PHE A 314 4.95 -12.20 -6.61
CA PHE A 314 5.33 -11.27 -5.55
C PHE A 314 4.05 -10.77 -4.88
N GLN A 315 4.02 -10.76 -3.54
CA GLN A 315 2.78 -10.48 -2.82
C GLN A 315 2.44 -9.00 -2.76
N SER A 316 3.33 -8.18 -2.20
CA SER A 316 3.13 -6.74 -2.15
CA SER A 316 3.11 -6.74 -2.16
C SER A 316 3.50 -6.14 -3.51
N GLY A 317 3.63 -4.82 -3.58
CA GLY A 317 4.09 -4.20 -4.81
C GLY A 317 5.59 -4.28 -4.98
N ALA A 318 6.34 -4.18 -3.88
CA ALA A 318 7.80 -4.13 -3.91
C ALA A 318 8.30 -4.26 -2.48
N MET A 319 9.62 -4.34 -2.34
CA MET A 319 10.25 -4.51 -1.02
C MET A 319 11.65 -3.90 -1.08
N GLU A 320 12.06 -3.20 -0.01
CA GLU A 320 13.21 -2.31 -0.07
C GLU A 320 14.54 -2.97 0.34
N ASN A 321 14.72 -4.28 0.18
CA ASN A 321 15.97 -4.92 0.65
C ASN A 321 17.18 -4.09 0.23
N TRP A 322 18.03 -3.76 1.20
CA TRP A 322 19.17 -2.88 1.02
C TRP A 322 20.13 -3.41 -0.05
N GLY A 323 20.20 -2.73 -1.19
CA GLY A 323 21.04 -3.15 -2.29
C GLY A 323 20.37 -4.09 -3.27
N LEU A 324 19.19 -4.64 -2.94
CA LEU A 324 18.51 -5.59 -3.82
C LEU A 324 17.00 -5.40 -3.64
N THR A 325 16.47 -4.30 -4.17
CA THR A 325 15.05 -4.05 -4.05
C THR A 325 14.31 -4.90 -5.08
N THR A 326 13.11 -5.35 -4.69
CA THR A 326 12.35 -6.32 -5.47
C THR A 326 10.95 -5.78 -5.74
N TYR A 327 10.35 -6.27 -6.84
CA TYR A 327 9.15 -5.66 -7.41
C TYR A 327 8.28 -6.73 -8.06
N ARG A 328 6.97 -6.55 -7.97
CA ARG A 328 6.08 -7.16 -8.96
C ARG A 328 6.50 -6.70 -10.35
N GLU A 329 6.38 -7.58 -11.33
CA GLU A 329 6.66 -7.14 -12.69
C GLU A 329 5.80 -5.93 -13.06
N SER A 330 4.57 -5.88 -12.56
CA SER A 330 3.70 -4.76 -12.92
C SER A 330 4.14 -3.45 -12.30
N ALA A 331 4.96 -3.50 -11.25
CA ALA A 331 5.42 -2.29 -10.58
C ALA A 331 6.76 -1.81 -11.09
N LEU A 332 7.34 -2.48 -12.09
CA LEU A 332 8.68 -2.12 -12.54
C LEU A 332 8.84 -2.07 -14.04
N LEU A 333 8.09 -2.86 -14.79
CA LEU A 333 8.38 -3.04 -16.21
C LEU A 333 7.42 -2.23 -17.06
N PHE A 334 7.97 -1.46 -18.01
CA PHE A 334 7.21 -0.52 -18.80
C PHE A 334 7.33 -0.89 -20.27
N ASP A 335 6.19 -1.04 -20.95
CA ASP A 335 6.11 -1.32 -22.39
C ASP A 335 5.64 -0.04 -23.08
N ALA A 336 6.48 0.53 -23.96
CA ALA A 336 6.16 1.86 -24.48
C ALA A 336 4.89 1.85 -25.33
N GLU A 337 4.54 0.71 -25.92
CA GLU A 337 3.34 0.63 -26.74
C GLU A 337 2.08 0.26 -25.96
N LYS A 338 2.22 -0.46 -24.84
CA LYS A 338 1.07 -1.06 -24.17
C LYS A 338 0.83 -0.58 -22.76
N SER A 339 1.82 0.01 -22.10
CA SER A 339 1.62 0.40 -20.71
C SER A 339 0.73 1.64 -20.63
N SER A 340 -0.07 1.71 -19.57
CA SER A 340 -0.95 2.84 -19.36
C SER A 340 -0.22 3.98 -18.66
N ALA A 341 -0.85 5.15 -18.69
CA ALA A 341 -0.31 6.29 -17.95
C ALA A 341 -0.28 6.00 -16.46
N SER A 342 -1.33 5.40 -15.92
CA SER A 342 -1.37 5.07 -14.51
CA SER A 342 -1.34 5.11 -14.50
C SER A 342 -0.29 4.07 -14.13
N SER A 343 0.01 3.13 -15.03
CA SER A 343 1.07 2.16 -14.75
C SER A 343 2.44 2.82 -14.76
N LYS A 344 2.66 3.77 -15.68
CA LYS A 344 3.91 4.52 -15.67
C LYS A 344 4.06 5.32 -14.38
N LEU A 345 2.99 6.02 -13.98
CA LEU A 345 3.01 6.72 -12.69
C LEU A 345 3.29 5.76 -11.55
N GLY A 346 2.67 4.58 -11.57
CA GLY A 346 2.89 3.61 -10.52
C GLY A 346 4.32 3.12 -10.41
N ILE A 347 4.96 2.87 -11.56
CA ILE A 347 6.39 2.49 -11.53
C ILE A 347 7.20 3.62 -10.91
N THR A 348 6.99 4.86 -11.38
CA THR A 348 7.79 5.98 -10.89
C THR A 348 7.65 6.11 -9.38
N MET A 349 6.42 5.99 -8.88
CA MET A 349 6.15 6.18 -7.45
C MET A 349 6.63 4.99 -6.63
N THR A 350 6.55 3.77 -7.17
CA THR A 350 7.03 2.60 -6.45
C THR A 350 8.56 2.61 -6.34
N VAL A 351 9.26 2.96 -7.42
CA VAL A 351 10.71 3.11 -7.32
C VAL A 351 11.07 4.21 -6.32
N ALA A 352 10.36 5.33 -6.37
CA ALA A 352 10.62 6.42 -5.42
C ALA A 352 10.43 5.93 -3.99
N HIS A 353 9.41 5.09 -3.78
CA HIS A 353 9.12 4.57 -2.44
C HIS A 353 10.24 3.67 -1.96
N GLU A 354 10.68 2.73 -2.81
CA GLU A 354 11.73 1.80 -2.39
C GLU A 354 13.05 2.52 -2.15
N LEU A 355 13.38 3.51 -2.98
CA LEU A 355 14.64 4.22 -2.76
C LEU A 355 14.55 5.12 -1.53
N ALA A 356 13.38 5.69 -1.23
CA ALA A 356 13.23 6.43 0.02
C ALA A 356 13.54 5.54 1.22
N HIS A 357 13.13 4.28 1.16
CA HIS A 357 13.39 3.35 2.26
C HIS A 357 14.87 3.13 2.54
N GLN A 358 15.74 3.37 1.55
CA GLN A 358 17.17 3.17 1.82
C GLN A 358 17.62 4.06 2.96
N TRP A 359 16.96 5.21 3.14
CA TRP A 359 17.20 6.10 4.27
C TRP A 359 16.15 5.85 5.37
N PHE A 360 14.87 5.97 5.02
CA PHE A 360 13.77 5.75 5.98
C PHE A 360 13.38 4.28 6.00
N GLY A 361 14.12 3.52 6.80
CA GLY A 361 13.86 2.10 6.92
C GLY A 361 15.14 1.30 7.03
N ASN A 362 16.07 1.51 6.11
CA ASN A 362 17.31 0.74 6.08
C ASN A 362 18.40 1.39 6.93
N LEU A 363 18.80 2.61 6.56
CA LEU A 363 19.77 3.36 7.36
C LEU A 363 19.26 3.60 8.78
N VAL A 364 18.03 4.09 8.89
CA VAL A 364 17.35 4.34 10.16
C VAL A 364 16.12 3.46 10.19
N THR A 365 15.97 2.66 11.24
CA THR A 365 14.92 1.65 11.30
C THR A 365 14.12 1.85 12.58
N MET A 366 12.81 1.63 12.52
CA MET A 366 12.02 1.69 13.74
CA MET A 366 12.05 1.72 13.76
C MET A 366 12.51 0.64 14.73
N GLU A 367 12.42 0.95 16.02
CA GLU A 367 12.91 0.02 17.02
C GLU A 367 12.03 -1.21 17.11
N TRP A 368 10.72 -1.05 16.94
CA TRP A 368 9.80 -2.17 16.96
C TRP A 368 8.59 -1.82 16.10
N TRP A 369 7.83 -2.86 15.72
CA TRP A 369 6.78 -2.68 14.73
C TRP A 369 5.65 -1.77 15.19
N ASN A 370 5.54 -1.45 16.49
CA ASN A 370 4.52 -0.49 16.90
C ASN A 370 4.75 0.86 16.23
N ASP A 371 5.99 1.16 15.86
CA ASP A 371 6.35 2.40 15.19
C ASP A 371 6.73 2.17 13.73
N LEU A 372 6.14 1.16 13.08
CA LEU A 372 6.34 0.95 11.65
C LEU A 372 6.12 2.22 10.83
N TRP A 373 5.22 3.09 11.26
CA TRP A 373 4.94 4.29 10.45
C TRP A 373 6.19 5.13 10.21
N LEU A 374 7.19 5.05 11.10
CA LEU A 374 8.44 5.79 10.89
C LEU A 374 9.14 5.37 9.61
N ASN A 375 8.97 4.10 9.21
CA ASN A 375 9.43 3.60 7.90
C ASN A 375 8.44 3.98 6.80
N GLU A 376 7.18 3.59 6.99
CA GLU A 376 6.21 3.55 5.88
C GLU A 376 5.53 4.89 5.64
N GLY A 377 5.21 5.63 6.69
CA GLY A 377 4.67 6.97 6.47
C GLY A 377 5.68 7.85 5.75
N PHE A 378 6.95 7.76 6.16
CA PHE A 378 7.98 8.55 5.51
C PHE A 378 8.20 8.11 4.06
N ALA A 379 8.28 6.81 3.80
CA ALA A 379 8.53 6.38 2.42
C ALA A 379 7.36 6.78 1.52
N LYS A 380 6.13 6.63 2.00
CA LYS A 380 4.96 7.10 1.24
C LYS A 380 5.03 8.61 1.00
N PHE A 381 5.32 9.37 2.04
CA PHE A 381 5.47 10.81 1.88
C PHE A 381 6.58 11.15 0.90
N MET A 382 7.72 10.46 1.01
CA MET A 382 8.87 10.80 0.17
CA MET A 382 8.88 10.80 0.17
C MET A 382 8.62 10.54 -1.31
N GLU A 383 7.68 9.64 -1.65
CA GLU A 383 7.31 9.50 -3.07
C GLU A 383 6.94 10.85 -3.67
N PHE A 384 6.17 11.64 -2.95
CA PHE A 384 5.68 12.90 -3.48
C PHE A 384 6.72 13.99 -3.40
N VAL A 385 7.50 14.02 -2.31
CA VAL A 385 8.59 14.98 -2.20
C VAL A 385 9.57 14.80 -3.37
N SER A 386 9.94 13.55 -3.66
CA SER A 386 10.98 13.29 -4.66
C SER A 386 10.44 13.44 -6.08
N VAL A 387 9.33 12.77 -6.37
CA VAL A 387 8.84 12.76 -7.76
C VAL A 387 8.36 14.14 -8.18
N SER A 388 7.90 14.97 -7.24
CA SER A 388 7.52 16.32 -7.63
CA SER A 388 7.53 16.35 -7.58
C SER A 388 8.71 17.12 -8.16
N VAL A 389 9.93 16.71 -7.83
CA VAL A 389 11.14 17.34 -8.36
C VAL A 389 11.67 16.60 -9.58
N THR A 390 11.77 15.26 -9.49
CA THR A 390 12.39 14.49 -10.56
C THR A 390 11.50 14.35 -11.79
N HIS A 391 10.18 14.33 -11.62
CA HIS A 391 9.25 14.14 -12.74
C HIS A 391 8.16 15.19 -12.67
N PRO A 392 8.52 16.46 -12.83
CA PRO A 392 7.55 17.53 -12.64
C PRO A 392 6.35 17.41 -13.56
N GLU A 393 6.50 16.77 -14.71
CA GLU A 393 5.38 16.65 -15.63
C GLU A 393 4.28 15.72 -15.10
N LEU A 394 4.61 14.85 -14.13
CA LEU A 394 3.58 14.01 -13.53
C LEU A 394 2.69 14.77 -12.57
N LYS A 395 3.15 15.91 -12.06
CA LYS A 395 2.35 16.75 -11.17
C LYS A 395 1.78 15.97 -10.00
N VAL A 396 2.60 15.11 -9.39
CA VAL A 396 2.05 14.17 -8.40
C VAL A 396 1.53 14.89 -7.16
N GLY A 397 2.07 16.06 -6.85
CA GLY A 397 1.60 16.77 -5.66
C GLY A 397 0.11 17.00 -5.68
N ASP A 398 -0.48 17.11 -6.88
CA ASP A 398 -1.92 17.29 -6.99
C ASP A 398 -2.70 16.10 -6.46
N TYR A 399 -2.11 14.89 -6.50
CA TYR A 399 -2.80 13.65 -6.14
C TYR A 399 -2.69 13.30 -4.67
N PHE A 400 -1.89 14.02 -3.90
CA PHE A 400 -1.52 13.53 -2.57
C PHE A 400 -2.72 13.48 -1.64
N PHE A 401 -3.55 14.53 -1.64
CA PHE A 401 -4.64 14.57 -0.68
C PHE A 401 -5.54 13.35 -0.79
N GLY A 402 -5.57 12.68 -1.93
CA GLY A 402 -6.42 11.51 -2.06
C GLY A 402 -6.03 10.39 -1.12
N LYS A 403 -4.73 10.28 -0.80
CA LYS A 403 -4.31 9.29 0.18
C LYS A 403 -4.93 9.58 1.53
N CYS A 404 -5.05 10.86 1.86
CA CYS A 404 -5.61 11.26 3.14
C CYS A 404 -7.07 10.87 3.26
N PHE A 405 -7.84 11.05 2.17
CA PHE A 405 -9.24 10.65 2.20
C PHE A 405 -9.37 9.13 2.32
N ASP A 406 -8.48 8.38 1.68
CA ASP A 406 -8.45 6.92 1.88
C ASP A 406 -8.24 6.58 3.35
N ALA A 407 -7.22 7.20 3.96
CA ALA A 407 -6.98 6.97 5.38
C ALA A 407 -8.22 7.31 6.22
N MET A 408 -8.90 8.43 5.91
CA MET A 408 -10.06 8.82 6.69
C MET A 408 -11.21 7.82 6.60
N GLU A 409 -11.26 7.02 5.54
CA GLU A 409 -12.32 6.02 5.43
C GLU A 409 -12.23 5.02 6.59
N VAL A 410 -11.03 4.51 6.87
CA VAL A 410 -10.89 3.55 7.96
C VAL A 410 -10.77 4.28 9.30
N ASP A 411 -10.14 5.45 9.30
CA ASP A 411 -9.86 6.16 10.55
C ASP A 411 -11.10 6.77 11.19
N ALA A 412 -12.23 6.82 10.49
CA ALA A 412 -13.48 7.27 11.08
C ALA A 412 -14.21 6.19 11.87
N LEU A 413 -13.66 4.97 11.91
CA LEU A 413 -14.26 3.83 12.55
C LEU A 413 -13.71 3.67 13.96
N ASN A 414 -14.56 3.15 14.85
CA ASN A 414 -14.07 2.80 16.18
C ASN A 414 -12.94 1.79 16.09
N SER A 415 -12.98 0.91 15.09
CA SER A 415 -11.98 -0.15 14.92
C SER A 415 -10.70 0.33 14.23
N SER A 416 -10.51 1.64 14.04
CA SER A 416 -9.20 2.12 13.65
C SER A 416 -8.23 1.98 14.83
N HIS A 417 -6.99 2.38 14.63
CA HIS A 417 -5.98 2.32 15.67
C HIS A 417 -5.07 3.52 15.54
N PRO A 418 -4.44 3.94 16.64
CA PRO A 418 -3.47 5.03 16.56
C PRO A 418 -2.32 4.66 15.63
N VAL A 419 -1.73 5.70 15.01
CA VAL A 419 -0.58 5.52 14.14
C VAL A 419 0.51 4.68 14.84
N SER A 420 0.78 4.97 16.11
CA SER A 420 1.72 4.21 16.92
CA SER A 420 1.71 4.19 16.92
C SER A 420 0.90 3.38 17.91
N THR A 421 0.98 2.06 17.83
CA THR A 421 0.12 1.22 18.66
C THR A 421 0.76 -0.15 18.89
N PRO A 422 0.54 -0.76 20.05
CA PRO A 422 1.29 -1.98 20.39
C PRO A 422 0.90 -3.16 19.53
N VAL A 423 1.92 -3.96 19.18
CA VAL A 423 1.74 -5.24 18.51
C VAL A 423 2.77 -6.23 19.05
N GLU A 424 2.46 -7.52 18.92
CA GLU A 424 3.33 -8.57 19.45
C GLU A 424 3.54 -9.73 18.48
N ASN A 425 2.48 -10.36 18.00
CA ASN A 425 2.64 -11.55 17.18
C ASN A 425 2.71 -11.18 15.71
N PRO A 426 3.12 -12.13 14.87
CA PRO A 426 3.34 -11.79 13.45
C PRO A 426 2.09 -11.31 12.74
N ALA A 427 0.91 -11.85 13.08
CA ALA A 427 -0.32 -11.40 12.42
C ALA A 427 -0.61 -9.94 12.74
N GLN A 428 -0.42 -9.55 14.00
CA GLN A 428 -0.62 -8.16 14.38
C GLN A 428 0.43 -7.25 13.73
N ILE A 429 1.66 -7.73 13.60
CA ILE A 429 2.70 -6.94 12.95
C ILE A 429 2.35 -6.72 11.49
N ARG A 430 1.90 -7.77 10.80
CA ARG A 430 1.49 -7.60 9.42
C ARG A 430 0.32 -6.63 9.29
N GLU A 431 -0.57 -6.59 10.30
CA GLU A 431 -1.68 -5.64 10.26
C GLU A 431 -1.20 -4.19 10.30
N MET A 432 0.04 -3.95 10.73
CA MET A 432 0.53 -2.57 10.73
C MET A 432 0.79 -2.07 9.33
N PHE A 433 0.89 -2.94 8.33
CA PHE A 433 1.09 -2.48 6.95
C PHE A 433 -0.29 -2.16 6.37
N ASP A 434 -0.85 -1.01 6.80
CA ASP A 434 -2.22 -0.65 6.46
C ASP A 434 -2.29 0.85 6.15
N ASP A 435 -3.50 1.33 5.85
CA ASP A 435 -3.67 2.71 5.40
C ASP A 435 -3.38 3.70 6.52
N VAL A 436 -3.43 3.27 7.77
CA VAL A 436 -3.04 4.18 8.85
C VAL A 436 -1.53 4.45 8.80
N SER A 437 -0.72 3.39 8.79
CA SER A 437 0.73 3.59 8.79
C SER A 437 1.19 4.30 7.52
N TYR A 438 0.62 3.94 6.38
CA TYR A 438 1.07 4.51 5.11
C TYR A 438 0.44 5.88 4.83
N ASP A 439 -0.89 5.92 4.73
CA ASP A 439 -1.55 7.12 4.21
C ASP A 439 -1.72 8.17 5.32
N LYS A 440 -2.28 7.78 6.46
CA LYS A 440 -2.32 8.75 7.55
C LYS A 440 -0.92 9.17 7.97
N GLY A 441 0.02 8.22 8.04
CA GLY A 441 1.40 8.57 8.36
C GLY A 441 1.96 9.64 7.43
N ALA A 442 1.81 9.43 6.12
CA ALA A 442 2.28 10.45 5.17
C ALA A 442 1.49 11.76 5.32
N CYS A 443 0.18 11.66 5.57
CA CYS A 443 -0.64 12.87 5.63
CA CYS A 443 -0.65 12.86 5.63
C CYS A 443 -0.30 13.72 6.85
N ILE A 444 -0.07 13.10 8.01
CA ILE A 444 0.30 13.95 9.15
C ILE A 444 1.71 14.51 9.00
N LEU A 445 2.60 13.81 8.25
CA LEU A 445 3.90 14.39 7.97
C LEU A 445 3.78 15.59 7.06
N ASN A 446 2.93 15.50 6.02
CA ASN A 446 2.69 16.65 5.16
C ASN A 446 2.13 17.82 5.95
N MET A 447 1.16 17.54 6.83
CA MET A 447 0.58 18.58 7.67
C MET A 447 1.65 19.23 8.54
N LEU A 448 2.51 18.42 9.17
CA LEU A 448 3.58 18.97 10.00
C LEU A 448 4.57 19.79 9.18
N ARG A 449 4.88 19.33 7.97
CA ARG A 449 5.84 20.06 7.14
C ARG A 449 5.29 21.44 6.75
N GLU A 450 4.00 21.51 6.44
CA GLU A 450 3.39 22.80 6.13
C GLU A 450 3.37 23.69 7.36
N TYR A 451 3.17 23.11 8.54
CA TYR A 451 3.11 23.88 9.76
C TYR A 451 4.49 24.43 10.14
N LEU A 452 5.53 23.59 10.05
CA LEU A 452 6.87 24.02 10.44
C LEU A 452 7.57 24.82 9.35
N SER A 453 7.14 24.66 8.09
CA SER A 453 7.82 25.13 6.89
C SER A 453 8.74 24.03 6.35
N ALA A 454 8.88 23.94 5.03
CA ALA A 454 9.64 22.85 4.45
C ALA A 454 11.10 22.87 4.91
N ASP A 455 11.69 24.06 5.05
CA ASP A 455 13.11 24.12 5.41
C ASP A 455 13.36 23.67 6.84
N ALA A 456 12.48 24.05 7.78
CA ALA A 456 12.65 23.59 9.15
C ALA A 456 12.38 22.09 9.26
N PHE A 457 11.35 21.62 8.58
CA PHE A 457 11.07 20.19 8.53
C PHE A 457 12.28 19.43 8.02
N LYS A 458 12.79 19.83 6.86
CA LYS A 458 13.93 19.14 6.26
C LYS A 458 15.13 19.13 7.19
N SER A 459 15.45 20.27 7.81
CA SER A 459 16.59 20.32 8.73
CA SER A 459 16.60 20.31 8.72
C SER A 459 16.41 19.32 9.86
N GLY A 460 15.19 19.18 10.35
CA GLY A 460 14.95 18.20 11.41
C GLY A 460 15.13 16.77 10.94
N ILE A 461 14.68 16.48 9.72
CA ILE A 461 14.78 15.13 9.18
C ILE A 461 16.24 14.77 8.91
N VAL A 462 17.04 15.71 8.38
CA VAL A 462 18.45 15.46 8.15
C VAL A 462 19.17 15.17 9.46
N GLN A 463 18.90 15.98 10.47
CA GLN A 463 19.52 15.73 11.77
C GLN A 463 19.08 14.38 12.34
N TYR A 464 17.82 14.02 12.16
CA TYR A 464 17.31 12.72 12.61
C TYR A 464 18.04 11.58 11.92
N LEU A 465 18.18 11.64 10.59
CA LEU A 465 18.85 10.57 9.86
C LEU A 465 20.32 10.45 10.26
N GLN A 466 21.02 11.59 10.40
CA GLN A 466 22.43 11.55 10.77
C GLN A 466 22.62 10.96 12.17
N LYS A 467 21.82 11.42 13.13
CA LYS A 467 22.01 11.00 14.52
C LYS A 467 21.75 9.52 14.69
N HIS A 468 20.75 8.97 14.00
CA HIS A 468 20.32 7.60 14.22
C HIS A 468 20.76 6.65 13.10
N SER A 469 21.71 7.07 12.27
CA SER A 469 22.27 6.20 11.24
C SER A 469 22.75 4.87 11.81
N TYR A 470 22.34 3.78 11.16
CA TYR A 470 22.67 2.41 11.53
C TYR A 470 22.14 2.04 12.91
N LYS A 471 21.08 2.72 13.35
CA LYS A 471 20.45 2.43 14.63
CA LYS A 471 20.46 2.44 14.63
C LYS A 471 18.94 2.39 14.48
N ASN A 472 18.21 2.39 15.60
CA ASN A 472 16.76 2.26 15.58
C ASN A 472 16.14 3.42 16.35
N THR A 473 14.93 3.81 15.93
CA THR A 473 14.26 4.98 16.49
C THR A 473 12.87 4.63 16.96
N LYS A 474 12.38 5.45 17.90
CA LYS A 474 11.01 5.49 18.35
C LYS A 474 10.40 6.84 18.04
N ASN A 475 9.07 6.89 18.08
CA ASN A 475 8.29 8.10 17.90
CA ASN A 475 8.35 8.12 17.84
C ASN A 475 8.99 9.31 18.53
N GLU A 476 9.39 9.15 19.79
CA GLU A 476 9.93 10.27 20.55
C GLU A 476 11.22 10.79 19.95
N ASP A 477 12.03 9.92 19.33
CA ASP A 477 13.28 10.38 18.73
C ASP A 477 13.01 11.33 17.58
N LEU A 478 11.94 11.08 16.81
CA LEU A 478 11.63 11.96 15.70
C LEU A 478 11.21 13.34 16.19
N TRP A 479 10.34 13.39 17.21
CA TRP A 479 9.90 14.69 17.70
C TRP A 479 11.05 15.47 18.30
N ASP A 480 11.96 14.78 19.01
CA ASP A 480 13.11 15.46 19.57
C ASP A 480 13.99 16.06 18.48
N SER A 481 14.18 15.34 17.37
CA SER A 481 14.98 15.90 16.28
C SER A 481 14.31 17.10 15.65
N MET A 482 12.99 17.03 15.44
CA MET A 482 12.27 18.17 14.88
C MET A 482 12.34 19.37 15.81
N ALA A 483 12.20 19.13 17.11
CA ALA A 483 12.21 20.24 18.07
C ALA A 483 13.59 20.87 18.20
N SER A 484 14.66 20.13 17.92
CA SER A 484 16.01 20.67 18.01
CA SER A 484 16.00 20.70 18.05
C SER A 484 16.26 21.82 17.05
N ILE A 485 15.37 22.02 16.08
CA ILE A 485 15.55 23.08 15.10
C ILE A 485 14.94 24.38 15.61
N VAL A 490 9.42 25.20 19.17
CA VAL A 490 8.00 24.86 19.23
C VAL A 490 7.79 23.44 19.75
N ASP A 491 6.64 23.22 20.39
CA ASP A 491 6.35 21.95 21.05
C ASP A 491 5.79 20.97 20.02
N VAL A 492 6.70 20.49 19.16
CA VAL A 492 6.35 19.47 18.18
C VAL A 492 5.85 18.22 18.88
N LYS A 493 6.49 17.84 20.00
CA LYS A 493 6.17 16.57 20.65
C LYS A 493 4.72 16.55 21.12
N THR A 494 4.29 17.56 21.87
CA THR A 494 2.90 17.58 22.32
C THR A 494 1.94 17.56 21.13
N MET A 495 2.20 18.38 20.11
CA MET A 495 1.33 18.39 18.94
CA MET A 495 1.32 18.39 18.95
C MET A 495 1.27 17.01 18.29
N MET A 496 2.43 16.44 18.00
CA MET A 496 2.41 15.23 17.20
C MET A 496 1.99 14.01 18.00
N ASN A 497 2.09 14.05 19.33
CA ASN A 497 1.50 12.98 20.13
C ASN A 497 -0.01 12.90 19.91
N THR A 498 -0.69 14.04 19.75
CA THR A 498 -2.14 13.99 19.53
C THR A 498 -2.46 13.29 18.21
N TRP A 499 -1.58 13.42 17.22
CA TRP A 499 -1.80 12.81 15.91
C TRP A 499 -1.31 11.38 15.80
N THR A 500 -0.47 10.90 16.73
CA THR A 500 0.11 9.57 16.61
C THR A 500 -0.32 8.60 17.72
N LEU A 501 -0.78 9.10 18.87
CA LEU A 501 -1.08 8.23 19.99
C LEU A 501 -2.58 8.06 20.24
N GLN A 502 -3.44 8.72 19.49
CA GLN A 502 -4.87 8.44 19.53
C GLN A 502 -5.39 8.28 18.10
N LYS A 503 -6.39 7.43 17.93
CA LYS A 503 -6.90 7.18 16.61
C LYS A 503 -7.76 8.35 16.14
N GLY A 504 -8.09 8.36 14.85
CA GLY A 504 -9.13 9.23 14.36
C GLY A 504 -8.66 10.64 14.00
N PHE A 505 -9.64 11.48 13.71
CA PHE A 505 -9.35 12.85 13.31
C PHE A 505 -10.51 13.75 13.73
N PRO A 506 -10.28 15.05 13.82
CA PRO A 506 -11.35 15.95 14.26
C PRO A 506 -12.20 16.49 13.13
N LEU A 507 -13.47 16.71 13.46
CA LEU A 507 -14.35 17.62 12.73
C LEU A 507 -14.15 19.03 13.28
N ILE A 508 -13.82 19.98 12.39
CA ILE A 508 -13.71 21.39 12.77
C ILE A 508 -14.99 22.09 12.34
N THR A 509 -15.71 22.68 13.29
CA THR A 509 -16.94 23.37 12.98
C THR A 509 -16.71 24.88 13.03
N ILE A 510 -17.13 25.57 11.98
CA ILE A 510 -16.88 26.99 11.76
C ILE A 510 -18.20 27.75 11.86
N THR A 511 -18.25 28.74 12.75
CA THR A 511 -19.42 29.58 12.94
C THR A 511 -18.98 31.03 12.82
N VAL A 512 -19.55 31.76 11.85
CA VAL A 512 -19.14 33.13 11.56
C VAL A 512 -20.24 34.09 12.02
N ARG A 513 -19.84 35.10 12.79
CA ARG A 513 -20.72 36.19 13.19
C ARG A 513 -20.02 37.49 12.80
N GLY A 514 -20.35 38.01 11.62
CA GLY A 514 -19.66 39.20 11.14
C GLY A 514 -18.20 38.88 10.91
N ARG A 515 -17.32 39.62 11.59
CA ARG A 515 -15.89 39.35 11.49
C ARG A 515 -15.40 38.26 12.43
N ASN A 516 -16.27 37.76 13.32
CA ASN A 516 -15.85 36.81 14.35
C ASN A 516 -16.03 35.39 13.83
N VAL A 517 -14.93 34.64 13.78
CA VAL A 517 -14.88 33.29 13.21
C VAL A 517 -14.64 32.32 14.36
N HIS A 518 -15.71 31.72 14.85
CA HIS A 518 -15.62 30.74 15.93
C HIS A 518 -15.25 29.36 15.41
N MET A 519 -14.40 28.66 16.15
CA MET A 519 -13.93 27.33 15.76
C MET A 519 -14.16 26.34 16.90
N LYS A 520 -14.56 25.12 16.54
CA LYS A 520 -14.78 24.05 17.51
C LYS A 520 -14.19 22.77 16.94
N GLN A 521 -13.60 21.93 17.79
CA GLN A 521 -13.14 20.62 17.32
C GLN A 521 -13.85 19.52 18.07
N GLU A 522 -14.11 18.41 17.38
CA GLU A 522 -14.63 17.24 18.05
C GLU A 522 -14.23 16.03 17.24
N HIS A 523 -14.01 14.91 17.94
CA HIS A 523 -13.65 13.67 17.26
C HIS A 523 -14.75 13.27 16.28
N TYR A 524 -14.39 13.05 15.01
CA TYR A 524 -15.33 12.58 14.00
C TYR A 524 -15.40 11.06 14.04
N MET A 525 -16.57 10.52 14.38
CA MET A 525 -16.74 9.07 14.31
C MET A 525 -18.13 8.75 13.81
N LYS A 526 -18.22 7.85 12.83
CA LYS A 526 -19.50 7.38 12.38
C LYS A 526 -20.13 6.52 13.48
N GLY A 527 -21.39 6.80 13.79
CA GLY A 527 -22.06 6.23 14.95
C GLY A 527 -21.80 4.75 15.20
N ASP A 533 -18.28 10.94 22.89
CA ASP A 533 -17.96 10.00 23.96
C ASP A 533 -16.46 9.97 24.25
N THR A 534 -15.64 10.11 23.19
CA THR A 534 -14.21 9.87 23.37
C THR A 534 -13.52 11.04 24.06
N GLY A 535 -13.90 12.27 23.75
CA GLY A 535 -13.23 13.43 24.31
C GLY A 535 -11.90 13.78 23.68
N TYR A 536 -11.49 13.10 22.61
CA TYR A 536 -10.19 13.37 22.03
C TYR A 536 -10.07 14.84 21.63
N LEU A 537 -8.88 15.40 21.85
CA LEU A 537 -8.53 16.74 21.38
C LEU A 537 -7.19 16.67 20.66
N TRP A 538 -7.03 17.53 19.64
CA TRP A 538 -5.81 17.61 18.87
C TRP A 538 -5.25 19.02 18.89
N HIS A 539 -3.96 19.13 18.61
CA HIS A 539 -3.36 20.41 18.22
C HIS A 539 -3.47 20.52 16.71
N VAL A 540 -4.45 21.27 16.22
CA VAL A 540 -4.80 21.29 14.81
C VAL A 540 -4.20 22.54 14.16
N PRO A 541 -3.27 22.41 13.24
CA PRO A 541 -2.79 23.59 12.50
C PRO A 541 -3.78 23.98 11.41
N LEU A 542 -4.75 24.82 11.72
CA LEU A 542 -5.78 25.20 10.76
C LEU A 542 -5.23 26.18 9.73
N THR A 543 -5.77 26.10 8.50
CA THR A 543 -5.49 27.10 7.49
C THR A 543 -6.81 27.58 6.88
N PHE A 544 -6.84 28.82 6.37
CA PHE A 544 -8.03 29.28 5.66
C PHE A 544 -7.69 30.36 4.65
N ILE A 545 -8.57 30.50 3.65
CA ILE A 545 -8.61 31.64 2.73
C ILE A 545 -10.04 32.20 2.80
N THR A 546 -10.22 33.41 2.25
CA THR A 546 -11.53 34.06 2.24
C THR A 546 -11.76 34.68 0.87
N SER A 547 -12.98 35.20 0.69
CA SER A 547 -13.30 35.94 -0.52
C SER A 547 -12.45 37.20 -0.68
N LYS A 548 -11.85 37.69 0.40
CA LYS A 548 -11.04 38.90 0.33
C LYS A 548 -9.53 38.63 0.37
N SER A 549 -9.09 37.39 0.61
CA SER A 549 -7.67 37.10 0.76
C SER A 549 -7.36 35.66 0.33
N ASP A 550 -6.56 35.51 -0.73
CA ASP A 550 -6.13 34.16 -1.07
CA ASP A 550 -6.02 34.25 -1.23
C ASP A 550 -4.74 33.83 -0.53
N MET A 551 -4.23 34.64 0.39
CA MET A 551 -3.10 34.19 1.20
C MET A 551 -3.57 33.10 2.15
N VAL A 552 -2.71 32.11 2.39
CA VAL A 552 -3.02 31.05 3.35
C VAL A 552 -2.84 31.62 4.76
N HIS A 553 -3.93 31.69 5.52
CA HIS A 553 -3.91 32.17 6.89
C HIS A 553 -3.89 30.98 7.84
N ARG A 554 -3.21 31.14 8.97
CA ARG A 554 -2.89 30.02 9.85
CA ARG A 554 -2.87 30.03 9.86
C ARG A 554 -3.38 30.30 11.27
N PHE A 555 -3.96 29.26 11.89
CA PHE A 555 -4.43 29.38 13.27
C PHE A 555 -4.23 28.03 13.93
N LEU A 556 -3.52 28.00 15.06
CA LEU A 556 -3.31 26.75 15.78
C LEU A 556 -4.42 26.57 16.82
N LEU A 557 -5.31 25.62 16.58
CA LEU A 557 -6.39 25.29 17.50
C LEU A 557 -5.92 24.17 18.42
N LYS A 558 -5.73 24.50 19.71
CA LYS A 558 -5.23 23.56 20.69
C LYS A 558 -6.27 23.18 21.71
N THR A 559 -7.44 23.80 21.67
CA THR A 559 -8.50 23.59 22.65
C THR A 559 -9.78 23.21 21.93
N LYS A 560 -10.80 22.85 22.71
CA LYS A 560 -12.07 22.47 22.12
C LYS A 560 -12.68 23.60 21.32
N THR A 561 -12.52 24.86 21.77
CA THR A 561 -13.07 26.02 21.08
C THR A 561 -12.08 27.18 21.10
N ASP A 562 -12.21 28.05 20.10
CA ASP A 562 -11.41 29.27 20.04
C ASP A 562 -12.09 30.19 19.03
N VAL A 563 -11.49 31.35 18.81
CA VAL A 563 -12.05 32.31 17.89
C VAL A 563 -10.92 33.15 17.29
N LEU A 564 -11.14 33.64 16.07
CA LEU A 564 -10.28 34.65 15.46
C LEU A 564 -11.15 35.73 14.85
N ILE A 565 -10.57 36.91 14.68
CA ILE A 565 -11.26 38.09 14.19
C ILE A 565 -10.67 38.45 12.84
N LEU A 566 -11.51 38.42 11.81
CA LEU A 566 -11.08 38.85 10.49
C LEU A 566 -10.95 40.37 10.46
N PRO A 567 -10.07 40.90 9.60
CA PRO A 567 -9.91 42.36 9.52
C PRO A 567 -11.12 43.08 8.92
N GLU A 568 -11.85 42.42 8.02
CA GLU A 568 -13.05 42.95 7.39
C GLU A 568 -13.99 41.78 7.08
N GLU A 569 -15.29 42.07 7.02
CA GLU A 569 -16.24 41.01 6.70
C GLU A 569 -16.01 40.47 5.29
N VAL A 570 -16.34 39.19 5.12
CA VAL A 570 -16.11 38.47 3.86
C VAL A 570 -17.41 37.82 3.39
N GLU A 571 -17.41 37.43 2.11
CA GLU A 571 -18.56 36.74 1.54
C GLU A 571 -18.50 35.22 1.74
N TRP A 572 -17.32 34.66 1.92
CA TRP A 572 -17.16 33.26 2.26
C TRP A 572 -15.79 33.07 2.86
N ILE A 573 -15.64 31.96 3.56
CA ILE A 573 -14.37 31.53 4.14
C ILE A 573 -14.25 30.03 3.93
N LYS A 574 -13.03 29.55 3.66
CA LYS A 574 -12.79 28.15 3.35
CA LYS A 574 -12.80 28.14 3.36
C LYS A 574 -11.57 27.67 4.12
N PHE A 575 -11.77 26.70 5.03
CA PHE A 575 -10.70 26.13 5.84
C PHE A 575 -10.09 24.87 5.18
N ASN A 576 -8.86 24.57 5.60
CA ASN A 576 -8.08 23.42 5.12
C ASN A 576 -7.69 23.64 3.67
N VAL A 577 -6.77 24.57 3.47
CA VAL A 577 -6.46 25.07 2.14
C VAL A 577 -5.62 24.03 1.42
N GLY A 578 -6.09 23.62 0.24
CA GLY A 578 -5.43 22.58 -0.51
C GLY A 578 -5.57 21.19 0.09
N MET A 579 -6.38 21.06 1.16
CA MET A 579 -6.60 19.80 1.85
C MET A 579 -5.27 19.23 2.37
N ASN A 580 -4.46 20.10 2.96
CA ASN A 580 -3.19 19.68 3.53
C ASN A 580 -3.30 19.27 5.00
N GLY A 581 -4.44 19.53 5.64
CA GLY A 581 -4.64 19.16 7.03
C GLY A 581 -5.42 17.88 7.20
N TYR A 582 -5.05 17.09 8.22
CA TYR A 582 -5.74 15.81 8.43
C TYR A 582 -6.96 16.03 9.34
N TYR A 583 -7.95 16.70 8.76
CA TYR A 583 -9.21 17.02 9.44
C TYR A 583 -10.25 17.38 8.38
N ILE A 584 -11.51 17.43 8.80
CA ILE A 584 -12.60 17.83 7.94
C ILE A 584 -13.30 19.02 8.56
N VAL A 585 -14.10 19.71 7.77
CA VAL A 585 -14.67 21.00 8.17
C VAL A 585 -16.17 21.04 7.91
N HIS A 586 -16.92 21.54 8.89
CA HIS A 586 -18.33 21.85 8.75
C HIS A 586 -18.57 23.34 8.97
N TYR A 587 -19.47 23.92 8.18
CA TYR A 587 -19.81 25.33 8.27
C TYR A 587 -21.25 25.47 8.79
N GLU A 588 -21.42 26.19 9.89
CA GLU A 588 -22.78 26.34 10.40
C GLU A 588 -23.54 27.40 9.60
N ASP A 589 -24.83 27.50 9.87
CA ASP A 589 -25.67 28.60 9.38
C ASP A 589 -25.71 28.54 7.86
N ASP A 590 -25.43 29.63 7.15
CA ASP A 590 -25.50 29.65 5.69
CA ASP A 590 -25.50 29.64 5.69
C ASP A 590 -24.18 29.24 5.03
N GLY A 591 -23.27 28.62 5.78
CA GLY A 591 -21.95 28.33 5.25
C GLY A 591 -21.97 27.41 4.03
N TRP A 592 -22.70 26.29 4.13
CA TRP A 592 -22.67 25.35 3.00
C TRP A 592 -23.43 25.92 1.80
N ASP A 593 -24.52 26.66 2.05
CA ASP A 593 -25.19 27.38 0.96
C ASP A 593 -24.24 28.36 0.28
N SER A 594 -23.45 29.10 1.06
CA SER A 594 -22.51 30.06 0.49
CA SER A 594 -22.51 30.06 0.49
C SER A 594 -21.45 29.35 -0.36
N LEU A 595 -20.88 28.27 0.17
CA LEU A 595 -19.86 27.55 -0.58
C LEU A 595 -20.46 26.84 -1.78
N THR A 596 -21.71 26.37 -1.67
CA THR A 596 -22.37 25.76 -2.82
C THR A 596 -22.61 26.79 -3.91
N GLY A 597 -23.01 28.00 -3.53
CA GLY A 597 -23.16 29.06 -4.52
C GLY A 597 -21.84 29.42 -5.19
N LEU A 598 -20.76 29.39 -4.42
CA LEU A 598 -19.45 29.66 -5.00
C LEU A 598 -19.12 28.62 -6.08
N LEU A 599 -19.31 27.34 -5.75
CA LEU A 599 -18.98 26.29 -6.71
C LEU A 599 -19.87 26.36 -7.94
N LYS A 600 -21.12 26.80 -7.80
CA LYS A 600 -22.00 26.83 -8.95
C LYS A 600 -21.86 28.11 -9.76
N GLY A 601 -21.27 29.16 -9.19
CA GLY A 601 -21.17 30.43 -9.88
C GLY A 601 -19.80 30.71 -10.45
N THR A 602 -18.76 30.51 -9.64
CA THR A 602 -17.39 30.76 -10.04
C THR A 602 -16.51 29.73 -9.33
N HIS A 603 -16.55 28.49 -9.83
CA HIS A 603 -15.89 27.40 -9.10
C HIS A 603 -14.38 27.59 -9.04
N THR A 604 -13.78 28.30 -10.00
CA THR A 604 -12.34 28.51 -9.97
C THR A 604 -11.90 29.53 -8.92
N ALA A 605 -12.83 30.06 -8.11
CA ALA A 605 -12.43 30.94 -7.02
C ALA A 605 -11.59 30.22 -5.98
N VAL A 606 -11.73 28.90 -5.87
CA VAL A 606 -10.85 28.07 -5.06
C VAL A 606 -10.21 27.03 -5.96
N SER A 607 -9.11 26.45 -5.49
CA SER A 607 -8.32 25.53 -6.31
C SER A 607 -9.06 24.22 -6.53
N SER A 608 -8.57 23.45 -7.51
CA SER A 608 -9.18 22.15 -7.80
CA SER A 608 -9.19 22.15 -7.80
C SER A 608 -9.19 21.25 -6.57
N ASN A 609 -8.10 21.27 -5.79
CA ASN A 609 -8.10 20.40 -4.63
C ASN A 609 -8.97 20.94 -3.52
N ASP A 610 -9.18 22.26 -3.47
CA ASP A 610 -10.15 22.78 -2.52
C ASP A 610 -11.57 22.38 -2.92
N ARG A 611 -11.84 22.30 -4.22
CA ARG A 611 -13.14 21.81 -4.65
C ARG A 611 -13.31 20.34 -4.25
N ALA A 612 -12.27 19.52 -4.46
CA ALA A 612 -12.36 18.12 -4.08
C ALA A 612 -12.61 17.99 -2.58
N SER A 613 -11.95 18.84 -1.78
CA SER A 613 -12.14 18.72 -0.34
C SER A 613 -13.58 19.06 0.06
N LEU A 614 -14.20 20.03 -0.61
CA LEU A 614 -15.58 20.36 -0.26
C LEU A 614 -16.53 19.23 -0.65
N ILE A 615 -16.30 18.59 -1.80
CA ILE A 615 -17.10 17.43 -2.18
C ILE A 615 -16.97 16.32 -1.14
N ASN A 616 -15.75 15.99 -0.77
CA ASN A 616 -15.55 14.89 0.17
C ASN A 616 -16.20 15.21 1.52
N ASN A 617 -15.94 16.41 2.05
CA ASN A 617 -16.41 16.73 3.38
C ASN A 617 -17.93 16.79 3.44
N ALA A 618 -18.56 17.33 2.39
CA ALA A 618 -20.02 17.39 2.36
C ALA A 618 -20.63 16.01 2.62
N PHE A 619 -20.15 14.98 1.91
CA PHE A 619 -20.73 13.66 2.09
C PHE A 619 -20.32 13.01 3.41
N GLN A 620 -19.13 13.31 3.93
CA GLN A 620 -18.79 12.84 5.28
C GLN A 620 -19.76 13.41 6.31
N LEU A 621 -20.19 14.66 6.13
CA LEU A 621 -21.10 15.28 7.10
C LEU A 621 -22.49 14.69 7.04
N VAL A 622 -22.90 14.16 5.87
CA VAL A 622 -24.16 13.44 5.80
C VAL A 622 -24.17 12.30 6.80
N SER A 623 -23.06 11.57 6.88
CA SER A 623 -23.00 10.36 7.69
C SER A 623 -23.18 10.64 9.17
N ILE A 624 -22.95 11.87 9.62
CA ILE A 624 -23.12 12.20 11.03
C ILE A 624 -24.28 13.18 11.25
N GLY A 625 -25.11 13.38 10.24
CA GLY A 625 -26.28 14.21 10.41
C GLY A 625 -26.05 15.70 10.46
N LYS A 626 -24.88 16.19 10.04
CA LYS A 626 -24.63 17.63 10.02
C LYS A 626 -25.07 18.30 8.73
N LEU A 627 -25.22 17.54 7.66
CA LEU A 627 -25.70 18.04 6.38
C LEU A 627 -26.63 16.99 5.80
N SER A 628 -27.73 17.43 5.18
CA SER A 628 -28.64 16.47 4.57
C SER A 628 -28.05 15.88 3.30
N ILE A 629 -28.47 14.67 2.96
CA ILE A 629 -28.03 14.07 1.71
C ILE A 629 -28.45 14.93 0.54
N GLU A 630 -29.63 15.56 0.64
CA GLU A 630 -30.11 16.41 -0.45
C GLU A 630 -29.20 17.61 -0.65
N LYS A 631 -28.73 18.23 0.43
CA LYS A 631 -27.83 19.38 0.26
C LYS A 631 -26.47 18.95 -0.30
N ALA A 632 -25.98 17.76 0.08
CA ALA A 632 -24.72 17.27 -0.46
C ALA A 632 -24.85 16.93 -1.94
N LEU A 633 -25.97 16.30 -2.31
CA LEU A 633 -26.21 16.03 -3.72
C LEU A 633 -26.41 17.32 -4.49
N ASP A 634 -27.09 18.30 -3.91
CA ASP A 634 -27.24 19.60 -4.57
CA ASP A 634 -27.24 19.60 -4.58
C ASP A 634 -25.88 20.20 -4.87
N LEU A 635 -24.92 20.07 -3.94
CA LEU A 635 -23.58 20.59 -4.16
C LEU A 635 -22.89 19.85 -5.31
N SER A 636 -23.07 18.53 -5.38
CA SER A 636 -22.39 17.77 -6.43
C SER A 636 -22.83 18.18 -7.83
N LEU A 637 -24.02 18.79 -7.97
CA LEU A 637 -24.48 19.24 -9.28
C LEU A 637 -23.55 20.27 -9.92
N TYR A 638 -22.74 20.98 -9.14
CA TYR A 638 -21.77 21.89 -9.76
C TYR A 638 -20.83 21.14 -10.71
N LEU A 639 -20.66 19.83 -10.52
CA LEU A 639 -19.74 19.06 -11.35
C LEU A 639 -20.08 19.07 -12.83
N LYS A 640 -21.27 19.53 -13.22
CA LYS A 640 -21.57 19.60 -14.64
C LYS A 640 -20.62 20.55 -15.37
N HIS A 641 -20.00 21.50 -14.67
CA HIS A 641 -19.00 22.37 -15.30
CA HIS A 641 -19.02 22.41 -15.25
C HIS A 641 -17.59 22.13 -14.78
N GLU A 642 -17.35 21.01 -14.08
CA GLU A 642 -16.00 20.71 -13.62
C GLU A 642 -15.18 20.09 -14.74
N THR A 643 -13.88 20.42 -14.75
CA THR A 643 -12.98 19.96 -15.79
C THR A 643 -11.76 19.20 -15.27
N GLU A 644 -11.47 19.29 -13.97
CA GLU A 644 -10.18 18.87 -13.46
C GLU A 644 -10.27 17.47 -12.83
N ILE A 645 -9.18 16.71 -12.97
CA ILE A 645 -9.24 15.29 -12.63
C ILE A 645 -9.51 15.09 -11.14
N MET A 646 -8.92 15.91 -10.28
CA MET A 646 -9.09 15.59 -8.86
C MET A 646 -10.53 15.78 -8.41
N PRO A 647 -11.18 16.93 -8.62
CA PRO A 647 -12.59 17.05 -8.21
C PRO A 647 -13.52 16.13 -9.00
N VAL A 648 -13.26 15.87 -10.29
CA VAL A 648 -14.08 14.87 -10.99
C VAL A 648 -13.93 13.50 -10.34
N PHE A 649 -12.68 13.06 -10.13
CA PHE A 649 -12.47 11.77 -9.46
C PHE A 649 -13.08 11.79 -8.08
N GLN A 650 -13.02 12.93 -7.37
CA GLN A 650 -13.62 12.94 -6.03
C GLN A 650 -15.12 12.76 -6.10
N GLY A 651 -15.79 13.45 -7.04
CA GLY A 651 -17.21 13.23 -7.23
C GLY A 651 -17.51 11.77 -7.48
N LEU A 652 -16.75 11.13 -8.38
CA LEU A 652 -16.93 9.70 -8.63
C LEU A 652 -16.72 8.90 -7.36
N ASN A 653 -15.69 9.24 -6.57
CA ASN A 653 -15.42 8.49 -5.36
C ASN A 653 -16.53 8.67 -4.32
N GLU A 654 -17.31 9.73 -4.39
CA GLU A 654 -18.40 9.90 -3.45
C GLU A 654 -19.70 9.28 -3.96
N LEU A 655 -19.96 9.33 -5.27
CA LEU A 655 -21.24 8.91 -5.82
C LEU A 655 -21.27 7.43 -6.20
N ILE A 656 -20.16 6.90 -6.75
CA ILE A 656 -20.11 5.47 -7.09
C ILE A 656 -20.44 4.59 -5.89
N PRO A 657 -19.85 4.79 -4.71
CA PRO A 657 -20.18 3.88 -3.59
C PRO A 657 -21.66 3.82 -3.29
N MET A 658 -22.43 4.86 -3.60
CA MET A 658 -23.87 4.84 -3.33
C MET A 658 -24.57 3.81 -4.22
N TYR A 659 -24.26 3.80 -5.51
CA TYR A 659 -24.91 2.77 -6.30
C TYR A 659 -24.27 1.39 -6.11
N LYS A 660 -23.03 1.31 -5.63
CA LYS A 660 -22.48 0.01 -5.29
C LYS A 660 -23.28 -0.63 -4.15
N LEU A 661 -23.74 0.18 -3.20
CA LEU A 661 -24.62 -0.36 -2.16
C LEU A 661 -25.94 -0.83 -2.76
N MET A 662 -26.54 -0.02 -3.64
CA MET A 662 -27.82 -0.36 -4.24
C MET A 662 -27.74 -1.64 -5.08
N GLU A 663 -26.60 -1.88 -5.73
CA GLU A 663 -26.45 -3.05 -6.61
C GLU A 663 -26.64 -4.35 -5.85
N LYS A 664 -26.31 -4.38 -4.58
CA LYS A 664 -26.41 -5.59 -3.78
C LYS A 664 -27.75 -5.70 -3.07
N ARG A 665 -28.72 -4.85 -3.42
CA ARG A 665 -30.06 -4.81 -2.85
C ARG A 665 -31.09 -4.93 -3.98
N ASP A 666 -32.34 -5.17 -3.61
CA ASP A 666 -33.42 -5.15 -4.61
C ASP A 666 -33.85 -3.70 -4.84
N MET A 667 -33.03 -2.98 -5.63
CA MET A 667 -33.18 -1.54 -5.78
C MET A 667 -32.94 -1.12 -7.23
N ASN A 668 -33.45 -1.91 -8.18
CA ASN A 668 -33.07 -1.69 -9.58
C ASN A 668 -33.52 -0.32 -10.08
N GLU A 669 -34.72 0.13 -9.70
CA GLU A 669 -35.24 1.39 -10.22
C GLU A 669 -34.37 2.57 -9.79
N VAL A 670 -34.09 2.69 -8.50
CA VAL A 670 -33.29 3.82 -8.02
C VAL A 670 -31.84 3.68 -8.46
N GLU A 671 -31.31 2.44 -8.47
CA GLU A 671 -29.96 2.20 -8.98
C GLU A 671 -29.83 2.71 -10.42
N THR A 672 -30.80 2.38 -11.27
CA THR A 672 -30.76 2.81 -12.65
C THR A 672 -30.86 4.32 -12.77
N GLN A 673 -31.78 4.94 -12.02
CA GLN A 673 -31.93 6.40 -12.09
C GLN A 673 -30.71 7.11 -11.54
N PHE A 674 -30.10 6.56 -10.49
CA PHE A 674 -28.88 7.17 -9.96
C PHE A 674 -27.76 7.10 -10.98
N LYS A 675 -27.55 5.94 -11.60
CA LYS A 675 -26.51 5.82 -12.62
C LYS A 675 -26.79 6.76 -13.79
N ALA A 676 -28.05 6.91 -14.18
CA ALA A 676 -28.40 7.85 -15.24
C ALA A 676 -28.07 9.27 -14.83
N PHE A 677 -28.35 9.62 -13.57
CA PHE A 677 -27.98 10.93 -13.05
C PHE A 677 -26.47 11.15 -13.17
N LEU A 678 -25.67 10.15 -12.79
CA LEU A 678 -24.22 10.31 -12.81
C LEU A 678 -23.71 10.54 -14.22
N ILE A 679 -24.20 9.75 -15.19
CA ILE A 679 -23.76 9.95 -16.57
C ILE A 679 -24.22 11.31 -17.09
N ARG A 680 -25.46 11.68 -16.79
CA ARG A 680 -25.96 12.98 -17.24
C ARG A 680 -25.12 14.10 -16.63
N LEU A 681 -24.69 13.93 -15.39
CA LEU A 681 -23.89 14.96 -14.73
C LEU A 681 -22.57 15.20 -15.45
N LEU A 682 -21.93 14.13 -15.94
CA LEU A 682 -20.61 14.23 -16.55
C LEU A 682 -20.66 14.10 -18.06
N ARG A 683 -21.87 14.19 -18.65
CA ARG A 683 -22.03 13.87 -20.06
C ARG A 683 -21.18 14.78 -20.94
N ASP A 684 -21.15 16.08 -20.66
CA ASP A 684 -20.39 16.98 -21.53
C ASP A 684 -18.91 16.64 -21.50
N LEU A 685 -18.38 16.37 -20.30
CA LEU A 685 -16.98 15.97 -20.19
C LEU A 685 -16.73 14.65 -20.91
N ILE A 686 -17.63 13.68 -20.74
CA ILE A 686 -17.49 12.40 -21.44
CA ILE A 686 -17.50 12.41 -21.44
C ILE A 686 -17.44 12.64 -22.95
N ASP A 687 -18.42 13.38 -23.47
CA ASP A 687 -18.48 13.60 -24.92
C ASP A 687 -17.25 14.32 -25.44
N LYS A 688 -16.56 15.10 -24.60
CA LYS A 688 -15.38 15.81 -25.08
C LYS A 688 -14.15 14.92 -25.19
N GLN A 689 -14.17 13.75 -24.58
CA GLN A 689 -12.98 12.91 -24.58
C GLN A 689 -12.71 12.39 -25.99
N THR A 690 -11.45 12.44 -26.38
CA THR A 690 -11.04 11.79 -27.62
C THR A 690 -10.63 10.35 -27.34
N TRP A 691 -10.75 9.51 -28.36
CA TRP A 691 -10.39 8.11 -28.24
C TRP A 691 -8.96 7.92 -28.76
N THR A 692 -8.03 8.53 -28.01
CA THR A 692 -6.61 8.57 -28.33
C THR A 692 -5.81 8.39 -27.04
N ASP A 693 -4.49 8.37 -27.19
CA ASP A 693 -3.58 8.46 -26.06
C ASP A 693 -2.94 9.84 -25.92
N GLU A 694 -3.62 10.90 -26.38
CA GLU A 694 -3.06 12.25 -26.37
C GLU A 694 -3.07 12.86 -24.97
N GLY A 695 -2.18 13.81 -24.76
CA GLY A 695 -2.26 14.70 -23.63
C GLY A 695 -1.37 14.29 -22.48
N SER A 696 -1.52 15.03 -21.38
CA SER A 696 -0.74 14.81 -20.18
C SER A 696 -1.18 13.52 -19.48
N VAL A 697 -0.38 13.09 -18.52
CA VAL A 697 -0.73 11.91 -17.73
C VAL A 697 -2.07 12.12 -17.04
N SER A 698 -2.35 13.34 -16.55
CA SER A 698 -3.64 13.59 -15.94
CA SER A 698 -3.65 13.59 -15.93
C SER A 698 -4.78 13.51 -16.96
N GLU A 699 -4.55 14.03 -18.16
CA GLU A 699 -5.59 13.95 -19.19
C GLU A 699 -5.83 12.51 -19.61
N ARG A 700 -4.79 11.67 -19.66
CA ARG A 700 -4.94 10.29 -20.08
C ARG A 700 -5.70 9.46 -19.04
N MET A 701 -5.38 9.64 -17.77
CA MET A 701 -6.08 8.88 -16.75
C MET A 701 -7.55 9.31 -16.66
N LEU A 702 -7.82 10.60 -16.82
CA LEU A 702 -9.20 11.06 -16.80
C LEU A 702 -9.98 10.48 -17.96
N ARG A 703 -9.39 10.50 -19.15
CA ARG A 703 -10.05 9.94 -20.33
C ARG A 703 -10.40 8.48 -20.12
N SER A 704 -9.42 7.69 -19.69
CA SER A 704 -9.63 6.25 -19.56
C SER A 704 -10.75 5.94 -18.56
N GLN A 705 -10.73 6.62 -17.40
CA GLN A 705 -11.77 6.33 -16.40
C GLN A 705 -13.15 6.80 -16.88
N LEU A 706 -13.25 7.94 -17.55
CA LEU A 706 -14.55 8.42 -18.02
C LEU A 706 -15.13 7.49 -19.07
N LEU A 707 -14.30 7.03 -20.02
CA LEU A 707 -14.81 6.14 -21.05
C LEU A 707 -15.21 4.79 -20.47
N LEU A 708 -14.43 4.27 -19.52
CA LEU A 708 -14.84 3.05 -18.86
C LEU A 708 -16.17 3.25 -18.14
N LEU A 709 -16.28 4.34 -17.37
CA LEU A 709 -17.52 4.60 -16.65
C LEU A 709 -18.72 4.67 -17.59
N ALA A 710 -18.59 5.41 -18.69
CA ALA A 710 -19.70 5.58 -19.62
C ALA A 710 -20.12 4.24 -20.23
N CYS A 711 -19.15 3.41 -20.58
CA CYS A 711 -19.46 2.13 -21.19
C CYS A 711 -20.07 1.15 -20.18
N VAL A 712 -19.52 1.11 -18.96
CA VAL A 712 -20.07 0.21 -17.95
C VAL A 712 -21.54 0.52 -17.71
N HIS A 713 -21.92 1.80 -17.77
CA HIS A 713 -23.29 2.23 -17.50
C HIS A 713 -24.14 2.36 -18.76
N ASN A 714 -23.67 1.80 -19.88
CA ASN A 714 -24.48 1.67 -21.10
C ASN A 714 -24.86 3.02 -21.70
N TYR A 715 -23.94 3.98 -21.64
CA TYR A 715 -24.08 5.21 -22.42
C TYR A 715 -23.83 4.88 -23.89
N GLN A 716 -24.88 4.96 -24.71
CA GLN A 716 -24.80 4.33 -26.03
C GLN A 716 -23.71 4.89 -26.93
N PRO A 717 -23.45 6.19 -26.99
CA PRO A 717 -22.33 6.64 -27.84
C PRO A 717 -21.01 5.95 -27.50
N CYS A 718 -20.69 5.77 -26.22
CA CYS A 718 -19.45 5.07 -25.80
CA CYS A 718 -19.43 5.11 -25.92
C CYS A 718 -19.51 3.61 -26.18
N VAL A 719 -20.64 2.97 -25.86
CA VAL A 719 -20.76 1.53 -26.08
C VAL A 719 -20.58 1.20 -27.55
N GLN A 720 -21.21 1.99 -28.43
CA GLN A 720 -21.11 1.71 -29.86
C GLN A 720 -19.68 1.83 -30.35
N ARG A 721 -18.96 2.86 -29.87
CA ARG A 721 -17.57 3.04 -30.29
C ARG A 721 -16.70 1.91 -29.76
N ALA A 722 -16.95 1.51 -28.50
CA ALA A 722 -16.19 0.42 -27.89
C ALA A 722 -16.44 -0.90 -28.60
N GLU A 723 -17.70 -1.19 -28.93
CA GLU A 723 -18.01 -2.43 -29.64
C GLU A 723 -17.30 -2.47 -30.97
N GLY A 724 -17.25 -1.35 -31.68
CA GLY A 724 -16.61 -1.34 -32.98
C GLY A 724 -15.12 -1.56 -32.87
N TYR A 725 -14.47 -0.91 -31.91
CA TYR A 725 -13.06 -1.20 -31.67
C TYR A 725 -12.84 -2.66 -31.28
N PHE A 726 -13.70 -3.21 -30.42
CA PHE A 726 -13.46 -4.60 -30.01
C PHE A 726 -13.61 -5.57 -31.17
N ARG A 727 -14.64 -5.34 -32.02
CA ARG A 727 -14.85 -6.21 -33.17
CA ARG A 727 -14.86 -6.18 -33.19
C ARG A 727 -13.65 -6.16 -34.11
N LYS A 728 -13.07 -4.98 -34.30
CA LYS A 728 -11.87 -4.85 -35.13
C LYS A 728 -10.67 -5.52 -34.47
N TRP A 729 -10.53 -5.35 -33.16
CA TRP A 729 -9.42 -6.01 -32.46
C TRP A 729 -9.53 -7.52 -32.59
N LYS A 730 -10.74 -8.06 -32.41
CA LYS A 730 -10.95 -9.50 -32.60
C LYS A 730 -10.69 -9.91 -34.04
N GLU A 731 -11.16 -9.11 -35.01
CA GLU A 731 -10.95 -9.48 -36.42
C GLU A 731 -9.46 -9.52 -36.78
N SER A 732 -8.67 -8.60 -36.19
CA SER A 732 -7.22 -8.58 -36.38
C SER A 732 -6.52 -9.74 -35.70
N ASN A 733 -7.25 -10.63 -35.03
CA ASN A 733 -6.67 -11.71 -34.22
C ASN A 733 -5.83 -11.15 -33.07
N GLY A 734 -6.29 -10.04 -32.50
CA GLY A 734 -5.61 -9.43 -31.38
C GLY A 734 -4.31 -8.72 -31.71
N ASN A 735 -4.05 -8.44 -32.99
CA ASN A 735 -2.82 -7.79 -33.42
C ASN A 735 -2.98 -6.28 -33.60
N LEU A 736 -4.22 -5.78 -33.52
CA LEU A 736 -4.49 -4.36 -33.67
C LEU A 736 -3.96 -3.57 -32.48
N SER A 737 -3.33 -2.43 -32.74
CA SER A 737 -2.89 -1.53 -31.69
CA SER A 737 -2.88 -1.52 -31.69
C SER A 737 -4.02 -0.56 -31.40
N LEU A 738 -4.69 -0.76 -30.24
CA LEU A 738 -5.70 0.17 -29.74
C LEU A 738 -5.02 1.28 -28.96
N PRO A 739 -5.64 2.46 -28.89
CA PRO A 739 -5.20 3.45 -27.90
C PRO A 739 -5.25 2.80 -26.52
N VAL A 740 -4.14 2.89 -25.78
CA VAL A 740 -4.11 2.26 -24.46
C VAL A 740 -5.22 2.83 -23.57
N ASP A 741 -5.49 4.13 -23.71
CA ASP A 741 -6.46 4.81 -22.82
C ASP A 741 -7.89 4.40 -23.07
N VAL A 742 -8.21 3.80 -24.23
CA VAL A 742 -9.56 3.29 -24.46
C VAL A 742 -9.66 1.78 -24.25
N THR A 743 -8.53 1.11 -23.96
CA THR A 743 -8.54 -0.34 -23.96
C THR A 743 -9.36 -0.94 -22.82
N LEU A 744 -9.37 -0.31 -21.64
CA LEU A 744 -10.24 -0.83 -20.58
C LEU A 744 -11.69 -0.87 -21.01
N ALA A 745 -12.19 0.26 -21.54
CA ALA A 745 -13.58 0.32 -21.97
C ALA A 745 -13.84 -0.68 -23.10
N VAL A 746 -12.94 -0.73 -24.09
CA VAL A 746 -13.14 -1.64 -25.22
C VAL A 746 -13.18 -3.09 -24.74
N PHE A 747 -12.24 -3.49 -23.89
CA PHE A 747 -12.22 -4.89 -23.45
C PHE A 747 -13.40 -5.21 -22.54
N ALA A 748 -13.77 -4.27 -21.68
CA ALA A 748 -14.90 -4.50 -20.78
C ALA A 748 -16.18 -4.70 -21.56
N VAL A 749 -16.36 -3.97 -22.66
CA VAL A 749 -17.56 -4.17 -23.49
C VAL A 749 -17.46 -5.49 -24.23
N GLY A 750 -16.29 -5.79 -24.80
CA GLY A 750 -16.14 -7.03 -25.54
C GLY A 750 -16.35 -8.27 -24.70
N ALA A 751 -16.01 -8.21 -23.43
CA ALA A 751 -16.11 -9.36 -22.54
C ALA A 751 -17.55 -9.70 -22.16
N GLN A 752 -18.52 -8.86 -22.52
CA GLN A 752 -19.91 -9.10 -22.15
C GLN A 752 -20.53 -10.26 -22.92
N SER A 753 -20.01 -10.61 -24.09
CA SER A 753 -20.49 -11.78 -24.80
C SER A 753 -19.57 -12.97 -24.57
N THR A 754 -20.14 -14.16 -24.69
CA THR A 754 -19.36 -15.38 -24.52
C THR A 754 -18.19 -15.43 -25.50
N GLU A 755 -18.43 -15.12 -26.78
CA GLU A 755 -17.36 -15.18 -27.77
C GLU A 755 -16.28 -14.15 -27.49
N GLY A 756 -16.65 -12.95 -27.05
CA GLY A 756 -15.66 -11.93 -26.74
C GLY A 756 -14.85 -12.28 -25.51
N TRP A 757 -15.51 -12.78 -24.47
CA TRP A 757 -14.81 -13.25 -23.28
C TRP A 757 -13.80 -14.33 -23.63
N ASP A 758 -14.24 -15.38 -24.32
CA ASP A 758 -13.34 -16.48 -24.67
C ASP A 758 -12.15 -15.98 -25.49
N PHE A 759 -12.40 -15.07 -26.43
CA PHE A 759 -11.29 -14.56 -27.23
C PHE A 759 -10.31 -13.76 -26.38
N LEU A 760 -10.81 -12.86 -25.55
CA LEU A 760 -9.95 -12.12 -24.64
C LEU A 760 -9.09 -13.07 -23.82
N TYR A 761 -9.72 -14.06 -23.21
CA TYR A 761 -8.95 -14.99 -22.41
C TYR A 761 -7.92 -15.72 -23.25
N SER A 762 -8.28 -16.07 -24.49
CA SER A 762 -7.34 -16.80 -25.34
C SER A 762 -6.07 -16.00 -25.62
N LYS A 763 -6.13 -14.66 -25.57
CA LYS A 763 -4.96 -13.84 -25.81
C LYS A 763 -4.14 -13.58 -24.55
N TYR A 764 -4.73 -13.83 -23.37
CA TYR A 764 -4.05 -13.57 -22.12
C TYR A 764 -2.75 -14.36 -22.01
N GLN A 765 -2.79 -15.64 -22.36
CA GLN A 765 -1.62 -16.50 -22.25
C GLN A 765 -0.33 -15.88 -22.78
N PHE A 766 -0.41 -15.22 -23.93
CA PHE A 766 0.79 -14.81 -24.68
C PHE A 766 1.23 -13.39 -24.41
N SER A 767 0.55 -12.66 -23.54
CA SER A 767 0.92 -11.27 -23.28
C SER A 767 2.16 -11.23 -22.39
N LEU A 768 3.12 -10.39 -22.76
CA LEU A 768 4.23 -10.02 -21.89
C LEU A 768 4.02 -8.66 -21.22
N SER A 769 2.87 -8.03 -21.40
CA SER A 769 2.62 -6.67 -20.91
C SER A 769 1.79 -6.70 -19.63
N SER A 770 2.32 -6.11 -18.54
CA SER A 770 1.57 -6.10 -17.30
C SER A 770 0.26 -5.31 -17.43
N THR A 771 0.27 -4.19 -18.16
CA THR A 771 -0.95 -3.44 -18.36
C THR A 771 -1.98 -4.25 -19.14
N GLU A 772 -1.55 -4.88 -20.24
CA GLU A 772 -2.49 -5.68 -21.01
C GLU A 772 -3.10 -6.79 -20.16
N LYS A 773 -2.28 -7.49 -19.38
CA LYS A 773 -2.82 -8.54 -18.50
C LYS A 773 -3.79 -7.94 -17.49
N SER A 774 -3.45 -6.79 -16.91
CA SER A 774 -4.37 -6.14 -15.98
CA SER A 774 -4.37 -6.13 -15.99
C SER A 774 -5.68 -5.75 -16.66
N GLN A 775 -5.62 -5.26 -17.91
CA GLN A 775 -6.82 -4.83 -18.59
C GLN A 775 -7.69 -6.02 -18.93
N ILE A 776 -7.09 -7.13 -19.35
CA ILE A 776 -7.86 -8.32 -19.65
C ILE A 776 -8.48 -8.88 -18.37
N GLU A 777 -7.71 -8.93 -17.28
CA GLU A 777 -8.27 -9.42 -16.02
C GLU A 777 -9.48 -8.60 -15.62
N PHE A 778 -9.36 -7.26 -15.66
CA PHE A 778 -10.49 -6.42 -15.30
C PHE A 778 -11.70 -6.72 -16.17
N ALA A 779 -11.50 -6.79 -17.50
CA ALA A 779 -12.62 -7.04 -18.40
C ALA A 779 -13.28 -8.38 -18.11
N LEU A 780 -12.48 -9.45 -17.94
CA LEU A 780 -13.08 -10.76 -17.73
C LEU A 780 -13.92 -10.81 -16.46
N CYS A 781 -13.53 -10.02 -15.44
CA CYS A 781 -14.29 -9.97 -14.19
C CYS A 781 -15.58 -9.17 -14.30
N ARG A 782 -15.82 -8.49 -15.42
CA ARG A 782 -17.03 -7.70 -15.60
C ARG A 782 -18.18 -8.46 -16.25
N THR A 783 -17.94 -9.70 -16.72
CA THR A 783 -19.00 -10.47 -17.35
C THR A 783 -20.14 -10.71 -16.36
N GLN A 784 -21.35 -10.85 -16.89
CA GLN A 784 -22.49 -11.26 -16.08
C GLN A 784 -22.74 -12.76 -16.12
N ASN A 785 -21.86 -13.51 -16.79
CA ASN A 785 -21.95 -14.95 -16.85
C ASN A 785 -21.35 -15.55 -15.59
N LYS A 786 -22.21 -16.07 -14.71
CA LYS A 786 -21.72 -16.56 -13.43
C LYS A 786 -20.82 -17.76 -13.56
N GLU A 787 -20.99 -18.59 -14.60
CA GLU A 787 -20.08 -19.71 -14.77
C GLU A 787 -18.68 -19.23 -15.08
N LYS A 788 -18.57 -18.17 -15.88
CA LYS A 788 -17.25 -17.59 -16.18
C LYS A 788 -16.63 -16.96 -14.94
N LEU A 789 -17.43 -16.25 -14.14
CA LEU A 789 -16.89 -15.68 -12.91
C LEU A 789 -16.37 -16.78 -11.98
N GLN A 790 -17.14 -17.87 -11.82
CA GLN A 790 -16.67 -18.97 -10.98
C GLN A 790 -15.34 -19.54 -11.50
N TRP A 791 -15.18 -19.63 -12.83
CA TRP A 791 -13.94 -20.14 -13.40
C TRP A 791 -12.75 -19.25 -13.06
N LEU A 792 -12.91 -17.92 -13.15
CA LEU A 792 -11.81 -17.02 -12.84
C LEU A 792 -11.32 -17.19 -11.42
N LEU A 793 -12.24 -17.36 -10.48
CA LEU A 793 -11.84 -17.57 -9.09
C LEU A 793 -11.08 -18.87 -8.97
N ASP A 794 -11.61 -19.96 -9.54
CA ASP A 794 -10.97 -21.27 -9.43
C ASP A 794 -9.57 -21.27 -10.04
N GLU A 795 -9.42 -20.67 -11.23
CA GLU A 795 -8.15 -20.76 -11.94
C GLU A 795 -7.08 -19.85 -11.34
N SER A 796 -7.44 -18.66 -10.87
CA SER A 796 -6.44 -17.81 -10.22
C SER A 796 -6.10 -18.30 -8.83
N PHE A 797 -7.05 -18.92 -8.14
CA PHE A 797 -6.74 -19.61 -6.90
C PHE A 797 -5.74 -20.72 -7.16
N LYS A 798 -5.91 -21.46 -8.25
CA LYS A 798 -5.00 -22.56 -8.57
C LYS A 798 -3.64 -22.05 -9.01
N GLY A 799 -3.61 -20.93 -9.74
CA GLY A 799 -2.38 -20.24 -10.08
C GLY A 799 -1.71 -20.67 -11.37
N ASP A 800 -2.37 -21.50 -12.18
CA ASP A 800 -1.67 -21.99 -13.37
C ASP A 800 -1.94 -21.12 -14.60
N LYS A 801 -3.20 -20.86 -14.90
CA LYS A 801 -3.54 -20.03 -16.05
C LYS A 801 -3.52 -18.54 -15.71
N ILE A 802 -3.83 -18.20 -14.46
CA ILE A 802 -3.71 -16.84 -13.95
C ILE A 802 -2.96 -16.95 -12.63
N LYS A 803 -1.95 -16.12 -12.45
CA LYS A 803 -1.08 -16.29 -11.28
C LYS A 803 -1.80 -15.91 -10.00
N THR A 804 -1.53 -16.67 -8.93
CA THR A 804 -2.19 -16.44 -7.65
C THR A 804 -1.92 -15.05 -7.10
N GLN A 805 -0.83 -14.39 -7.53
CA GLN A 805 -0.60 -13.01 -7.10
C GLN A 805 -1.72 -12.08 -7.56
N GLU A 806 -2.51 -12.49 -8.55
CA GLU A 806 -3.64 -11.73 -9.05
C GLU A 806 -4.94 -12.04 -8.32
N PHE A 807 -4.97 -13.11 -7.53
CA PHE A 807 -6.23 -13.55 -6.95
C PHE A 807 -6.87 -12.50 -6.05
N PRO A 808 -6.14 -11.82 -5.16
CA PRO A 808 -6.83 -10.81 -4.34
C PRO A 808 -7.54 -9.77 -5.18
N GLN A 809 -6.92 -9.30 -6.26
CA GLN A 809 -7.58 -8.31 -7.10
C GLN A 809 -8.77 -8.92 -7.84
N ILE A 810 -8.63 -10.14 -8.36
CA ILE A 810 -9.74 -10.78 -9.05
CA ILE A 810 -9.73 -10.79 -9.05
C ILE A 810 -10.91 -11.01 -8.10
N LEU A 811 -10.64 -11.49 -6.89
CA LEU A 811 -11.72 -11.69 -5.92
C LEU A 811 -12.45 -10.37 -5.67
N THR A 812 -11.69 -9.29 -5.46
CA THR A 812 -12.30 -7.99 -5.20
C THR A 812 -13.10 -7.49 -6.39
N LEU A 813 -12.54 -7.61 -7.61
CA LEU A 813 -13.28 -7.22 -8.80
C LEU A 813 -14.62 -7.95 -8.93
N ILE A 814 -14.61 -9.26 -8.66
CA ILE A 814 -15.86 -10.00 -8.79
C ILE A 814 -16.80 -9.66 -7.63
N GLY A 815 -16.23 -9.36 -6.45
CA GLY A 815 -17.05 -8.85 -5.37
C GLY A 815 -17.74 -7.52 -5.70
N ARG A 816 -17.17 -6.75 -6.62
CA ARG A 816 -17.79 -5.52 -7.05
C ARG A 816 -18.68 -5.71 -8.28
N ASN A 817 -18.69 -6.91 -8.85
CA ASN A 817 -19.51 -7.16 -10.02
C ASN A 817 -20.99 -7.17 -9.62
N PRO A 818 -21.85 -6.47 -10.35
CA PRO A 818 -23.26 -6.40 -9.95
C PRO A 818 -23.95 -7.75 -9.83
N VAL A 819 -23.48 -8.79 -10.52
CA VAL A 819 -24.03 -10.14 -10.35
C VAL A 819 -23.06 -11.11 -9.71
N GLY A 820 -21.80 -10.74 -9.55
CA GLY A 820 -20.83 -11.70 -9.06
C GLY A 820 -20.61 -11.66 -7.56
N TYR A 821 -21.05 -10.60 -6.89
CA TYR A 821 -20.66 -10.42 -5.50
C TYR A 821 -21.04 -11.60 -4.61
N PRO A 822 -22.16 -12.30 -4.81
CA PRO A 822 -22.40 -13.48 -3.96
C PRO A 822 -21.36 -14.55 -4.16
N LEU A 823 -20.91 -14.75 -5.40
CA LEU A 823 -19.90 -15.76 -5.69
C LEU A 823 -18.59 -15.46 -5.00
N ALA A 824 -18.21 -14.18 -4.92
CA ALA A 824 -16.93 -13.83 -4.33
C ALA A 824 -16.95 -14.07 -2.83
N TRP A 825 -18.01 -13.62 -2.17
CA TRP A 825 -18.18 -13.86 -0.74
C TRP A 825 -18.22 -15.37 -0.44
N GLN A 826 -18.98 -16.12 -1.22
CA GLN A 826 -19.01 -17.56 -0.99
C GLN A 826 -17.62 -18.19 -1.19
N PHE A 827 -16.90 -17.77 -2.22
CA PHE A 827 -15.59 -18.35 -2.48
C PHE A 827 -14.63 -18.07 -1.32
N LEU A 828 -14.70 -16.86 -0.77
CA LEU A 828 -13.84 -16.52 0.36
C LEU A 828 -14.10 -17.44 1.54
N ARG A 829 -15.37 -17.67 1.85
CA ARG A 829 -15.73 -18.54 2.98
C ARG A 829 -15.25 -19.97 2.74
N LYS A 830 -15.52 -20.51 1.54
CA LYS A 830 -15.24 -21.91 1.33
C LYS A 830 -13.75 -22.21 1.27
N ASN A 831 -12.94 -21.26 0.79
CA ASN A 831 -11.51 -21.49 0.58
C ASN A 831 -10.65 -20.72 1.57
N TRP A 832 -11.23 -20.31 2.70
CA TRP A 832 -10.55 -19.45 3.66
C TRP A 832 -9.20 -20.02 4.07
N ASN A 833 -9.17 -21.30 4.49
CA ASN A 833 -7.96 -21.85 5.09
C ASN A 833 -6.81 -21.86 4.11
N LYS A 834 -7.06 -22.22 2.85
CA LYS A 834 -5.98 -22.21 1.88
C LYS A 834 -5.54 -20.79 1.54
N LEU A 835 -6.49 -19.85 1.50
CA LEU A 835 -6.11 -18.46 1.22
C LEU A 835 -5.25 -17.89 2.35
N VAL A 836 -5.61 -18.19 3.60
CA VAL A 836 -4.79 -17.77 4.73
C VAL A 836 -3.40 -18.40 4.66
N GLN A 837 -3.32 -19.68 4.30
CA GLN A 837 -2.01 -20.32 4.22
C GLN A 837 -1.14 -19.65 3.16
N LYS A 838 -1.76 -19.24 2.05
CA LYS A 838 -1.01 -18.60 0.97
C LYS A 838 -0.56 -17.21 1.34
N PHE A 839 -1.45 -16.41 1.95
CA PHE A 839 -1.22 -14.97 2.08
C PHE A 839 -0.96 -14.52 3.50
N GLU A 840 -1.39 -15.30 4.50
CA GLU A 840 -1.12 -15.09 5.93
C GLU A 840 -2.13 -14.21 6.64
N LEU A 841 -2.55 -14.64 7.83
CA LEU A 841 -3.41 -13.80 8.65
C LEU A 841 -2.74 -12.45 8.91
N GLY A 842 -3.53 -11.38 8.83
CA GLY A 842 -3.01 -10.06 9.09
C GLY A 842 -2.44 -9.36 7.88
N SER A 843 -2.22 -10.09 6.78
CA SER A 843 -1.66 -9.46 5.58
CA SER A 843 -1.66 -9.45 5.60
C SER A 843 -2.65 -8.48 4.97
N SER A 844 -2.11 -7.48 4.29
CA SER A 844 -2.96 -6.58 3.53
C SER A 844 -3.76 -7.34 2.47
N SER A 845 -3.18 -8.41 1.92
CA SER A 845 -3.90 -9.22 0.94
C SER A 845 -5.19 -9.79 1.56
N ILE A 846 -5.09 -10.38 2.74
CA ILE A 846 -6.28 -10.94 3.36
C ILE A 846 -7.27 -9.83 3.73
N ALA A 847 -6.77 -8.70 4.23
CA ALA A 847 -7.64 -7.58 4.58
C ALA A 847 -8.45 -7.09 3.39
N HIS A 848 -7.81 -6.95 2.24
CA HIS A 848 -8.53 -6.47 1.06
C HIS A 848 -9.50 -7.52 0.52
N MET A 849 -9.22 -8.81 0.70
CA MET A 849 -10.20 -9.82 0.32
CA MET A 849 -10.21 -9.81 0.30
C MET A 849 -11.41 -9.78 1.25
N VAL A 850 -11.18 -9.59 2.54
CA VAL A 850 -12.30 -9.49 3.48
C VAL A 850 -13.15 -8.26 3.14
N MET A 851 -12.51 -7.08 3.03
CA MET A 851 -13.25 -5.86 2.73
CA MET A 851 -13.25 -5.87 2.74
C MET A 851 -13.86 -5.90 1.34
N GLY A 852 -13.12 -6.43 0.36
CA GLY A 852 -13.59 -6.39 -1.01
C GLY A 852 -14.77 -7.31 -1.29
N THR A 853 -15.03 -8.29 -0.42
CA THR A 853 -16.17 -9.15 -0.61
C THR A 853 -17.34 -8.78 0.31
N THR A 854 -17.14 -7.92 1.31
CA THR A 854 -18.18 -7.73 2.31
C THR A 854 -18.56 -6.28 2.60
N ASN A 855 -17.70 -5.29 2.32
CA ASN A 855 -17.91 -3.98 2.92
C ASN A 855 -18.86 -3.07 2.12
N GLN A 856 -19.51 -3.61 1.09
CA GLN A 856 -20.61 -2.94 0.44
C GLN A 856 -21.96 -3.57 0.74
N PHE A 857 -22.02 -4.51 1.71
CA PHE A 857 -23.30 -5.04 2.19
C PHE A 857 -23.99 -4.00 3.09
N SER A 858 -25.33 -4.04 3.11
CA SER A 858 -26.08 -3.04 3.87
C SER A 858 -27.39 -3.58 4.41
N THR A 859 -27.47 -4.88 4.70
CA THR A 859 -28.65 -5.43 5.34
C THR A 859 -28.23 -6.20 6.59
N ARG A 860 -29.19 -6.34 7.50
CA ARG A 860 -28.98 -7.10 8.72
C ARG A 860 -28.65 -8.56 8.42
N THR A 861 -29.24 -9.12 7.36
CA THR A 861 -28.95 -10.50 7.03
C THR A 861 -27.50 -10.67 6.56
N ARG A 862 -27.01 -9.78 5.69
CA ARG A 862 -25.61 -9.82 5.29
CA ARG A 862 -25.61 -9.90 5.30
C ARG A 862 -24.69 -9.61 6.48
N LEU A 863 -25.07 -8.70 7.38
CA LEU A 863 -24.23 -8.43 8.54
C LEU A 863 -24.07 -9.67 9.41
N GLU A 864 -25.15 -10.44 9.56
CA GLU A 864 -25.08 -11.66 10.37
CA GLU A 864 -25.11 -11.66 10.35
C GLU A 864 -24.27 -12.73 9.66
N GLU A 865 -24.32 -12.81 8.33
CA GLU A 865 -23.44 -13.74 7.64
C GLU A 865 -21.98 -13.45 7.98
N VAL A 866 -21.60 -12.15 7.94
CA VAL A 866 -20.22 -11.77 8.19
C VAL A 866 -19.82 -12.06 9.62
N LYS A 867 -20.65 -11.64 10.58
CA LYS A 867 -20.35 -11.90 11.98
C LYS A 867 -20.30 -13.39 12.26
N GLY A 868 -21.27 -14.14 11.74
CA GLY A 868 -21.30 -15.58 11.97
C GLY A 868 -20.10 -16.29 11.38
N PHE A 869 -19.73 -15.94 10.14
CA PHE A 869 -18.61 -16.63 9.54
C PHE A 869 -17.31 -16.37 10.30
N PHE A 870 -16.96 -15.10 10.51
CA PHE A 870 -15.63 -14.82 11.05
C PHE A 870 -15.53 -15.22 12.52
N SER A 871 -16.61 -15.12 13.28
CA SER A 871 -16.56 -15.59 14.66
CA SER A 871 -16.58 -15.59 14.65
C SER A 871 -16.33 -17.09 14.71
N SER A 872 -16.70 -17.83 13.66
CA SER A 872 -16.53 -19.28 13.71
C SER A 872 -15.07 -19.70 13.50
N LEU A 873 -14.19 -18.79 13.08
CA LEU A 873 -12.81 -19.14 12.77
C LEU A 873 -11.93 -19.26 14.01
N LYS A 874 -12.40 -18.78 15.17
CA LYS A 874 -11.59 -18.84 16.38
C LYS A 874 -10.19 -18.29 16.11
N GLU A 875 -9.16 -19.09 16.35
CA GLU A 875 -7.80 -18.54 16.26
C GLU A 875 -7.32 -18.33 14.83
N ASN A 876 -8.07 -18.79 13.83
CA ASN A 876 -7.69 -18.63 12.42
C ASN A 876 -8.44 -17.48 11.76
N GLY A 877 -8.64 -16.36 12.44
CA GLY A 877 -9.17 -15.19 11.79
C GLY A 877 -10.24 -14.40 12.52
N SER A 878 -10.81 -14.92 13.60
CA SER A 878 -11.91 -14.20 14.24
CA SER A 878 -11.91 -14.21 14.26
C SER A 878 -11.46 -12.87 14.83
N GLN A 879 -10.17 -12.69 15.09
CA GLN A 879 -9.66 -11.49 15.73
C GLN A 879 -9.00 -10.50 14.75
N LEU A 880 -9.10 -10.76 13.45
CA LEU A 880 -8.55 -9.86 12.45
C LEU A 880 -9.15 -8.46 12.58
N ARG A 881 -8.28 -7.44 12.50
CA ARG A 881 -8.80 -6.08 12.52
C ARG A 881 -9.65 -5.78 11.30
N CYS A 882 -9.29 -6.33 10.13
CA CYS A 882 -10.12 -6.07 8.95
C CYS A 882 -11.55 -6.59 9.13
N VAL A 883 -11.74 -7.63 9.95
CA VAL A 883 -13.09 -8.17 10.20
C VAL A 883 -13.90 -7.18 11.03
N GLN A 884 -13.30 -6.63 12.07
CA GLN A 884 -14.01 -5.64 12.88
C GLN A 884 -14.33 -4.42 12.04
N GLN A 885 -13.42 -4.04 11.15
CA GLN A 885 -13.60 -2.87 10.31
C GLN A 885 -14.75 -3.08 9.32
N THR A 886 -14.78 -4.23 8.66
CA THR A 886 -15.88 -4.46 7.72
C THR A 886 -17.21 -4.60 8.44
N ILE A 887 -17.23 -5.19 9.63
CA ILE A 887 -18.47 -5.27 10.38
C ILE A 887 -18.98 -3.86 10.70
N GLU A 888 -18.08 -2.99 11.18
CA GLU A 888 -18.48 -1.63 11.51
C GLU A 888 -18.92 -0.88 10.26
N THR A 889 -18.25 -1.11 9.14
CA THR A 889 -18.65 -0.50 7.88
C THR A 889 -20.05 -0.96 7.47
N ILE A 890 -20.34 -2.27 7.56
CA ILE A 890 -21.66 -2.75 7.20
C ILE A 890 -22.71 -2.13 8.10
N GLU A 891 -22.43 -2.07 9.41
CA GLU A 891 -23.35 -1.40 10.34
C GLU A 891 -23.63 0.05 9.91
N GLU A 892 -22.59 0.80 9.53
CA GLU A 892 -22.79 2.16 9.02
C GLU A 892 -23.61 2.14 7.74
N ASN A 893 -23.33 1.17 6.84
CA ASN A 893 -24.07 1.08 5.59
C ASN A 893 -25.56 0.87 5.83
N ILE A 894 -25.89 0.01 6.80
CA ILE A 894 -27.28 -0.27 7.14
C ILE A 894 -27.98 1.01 7.60
N GLY A 895 -27.38 1.72 8.54
CA GLY A 895 -27.98 2.96 9.02
C GLY A 895 -28.08 3.99 7.93
N TRP A 896 -27.05 4.11 7.10
CA TRP A 896 -27.02 5.14 6.05
C TRP A 896 -28.08 4.88 5.01
N MET A 897 -28.20 3.62 4.57
CA MET A 897 -29.22 3.30 3.57
CA MET A 897 -29.22 3.30 3.57
C MET A 897 -30.62 3.43 4.16
N ASP A 898 -30.82 2.95 5.39
CA ASP A 898 -32.14 3.09 6.00
C ASP A 898 -32.57 4.55 6.03
N LYS A 899 -31.65 5.45 6.36
CA LYS A 899 -32.02 6.85 6.47
C LYS A 899 -32.15 7.54 5.11
N ASN A 900 -31.27 7.24 4.17
CA ASN A 900 -31.11 8.09 3.01
C ASN A 900 -31.65 7.52 1.71
N PHE A 901 -31.97 6.23 1.65
CA PHE A 901 -32.38 5.64 0.39
C PHE A 901 -33.61 6.35 -0.19
N ASP A 902 -34.66 6.49 0.62
CA ASP A 902 -35.87 7.14 0.11
C ASP A 902 -35.64 8.62 -0.18
N LYS A 903 -34.79 9.28 0.62
CA LYS A 903 -34.43 10.66 0.33
C LYS A 903 -33.75 10.80 -1.02
N ILE A 904 -32.82 9.87 -1.34
CA ILE A 904 -32.17 9.87 -2.64
C ILE A 904 -33.19 9.62 -3.75
N ARG A 905 -34.10 8.67 -3.53
CA ARG A 905 -35.12 8.36 -4.51
CA ARG A 905 -35.12 8.36 -4.51
C ARG A 905 -35.94 9.61 -4.87
N VAL A 906 -36.43 10.31 -3.85
CA VAL A 906 -37.22 11.52 -4.08
C VAL A 906 -36.37 12.61 -4.73
N TRP A 907 -35.12 12.74 -4.29
CA TRP A 907 -34.25 13.76 -4.87
C TRP A 907 -34.04 13.51 -6.36
N LEU A 908 -33.86 12.25 -6.75
CA LEU A 908 -33.71 11.93 -8.17
C LEU A 908 -34.98 12.26 -8.95
N GLN A 909 -36.15 12.05 -8.33
CA GLN A 909 -37.39 12.37 -9.04
C GLN A 909 -37.54 13.87 -9.23
N SER A 910 -37.20 14.65 -8.21
CA SER A 910 -37.21 16.10 -8.35
C SER A 910 -36.15 16.56 -9.34
N GLU A 911 -34.96 15.96 -9.30
CA GLU A 911 -33.88 16.36 -10.19
C GLU A 911 -34.34 16.47 -11.63
N LYS A 912 -35.40 15.75 -12.00
CA LYS A 912 -36.11 16.03 -13.25
C LYS A 912 -36.69 17.44 -13.20
C1 NAG B . 10.32 -30.71 3.90
C2 NAG B . 10.22 -30.88 5.42
C3 NAG B . 10.50 -32.33 5.83
C4 NAG B . 9.65 -33.30 5.02
C5 NAG B . 9.73 -33.01 3.52
C6 NAG B . 8.78 -33.83 2.70
C7 NAG B . 10.74 -29.02 6.95
C8 NAG B . 11.82 -28.20 7.58
N2 NAG B . 11.14 -29.98 6.12
O3 NAG B . 10.25 -32.47 7.21
O4 NAG B . 10.11 -34.62 5.25
O5 NAG B . 9.42 -31.63 3.27
O6 NAG B . 9.16 -33.88 1.33
O7 NAG B . 9.55 -28.81 7.18
C1 NAG B . 9.14 -35.43 5.94
C2 NAG B . 9.36 -36.90 5.54
C3 NAG B . 8.39 -37.80 6.29
C4 NAG B . 8.48 -37.55 7.80
C5 NAG B . 8.30 -36.06 8.09
C6 NAG B . 8.52 -35.73 9.55
C7 NAG B . 10.21 -37.44 3.31
C8 NAG B . 9.88 -37.56 1.85
N2 NAG B . 9.21 -37.07 4.10
O3 NAG B . 8.70 -39.16 6.01
O4 NAG B . 7.48 -38.29 8.49
O5 NAG B . 9.26 -35.29 7.36
O6 NAG B . 9.81 -36.12 9.99
O7 NAG B . 11.33 -37.68 3.74
C1 NAG C . 19.94 -30.48 -7.30
C2 NAG C . 21.42 -30.29 -7.61
C3 NAG C . 21.78 -30.94 -8.93
C4 NAG C . 21.26 -32.37 -9.01
C5 NAG C . 19.79 -32.43 -8.60
C6 NAG C . 19.22 -33.83 -8.56
C7 NAG C . 22.26 -28.23 -6.57
C8 NAG C . 22.55 -26.77 -6.77
N2 NAG C . 21.76 -28.88 -7.63
O3 NAG C . 23.20 -30.92 -9.07
O4 NAG C . 21.36 -32.84 -10.35
O5 NAG C . 19.63 -31.85 -7.30
O6 NAG C . 19.85 -34.59 -7.54
O7 NAG C . 22.46 -28.78 -5.50
C1 NAG C . 22.37 -33.86 -10.41
C2 NAG C . 22.16 -34.66 -11.70
C3 NAG C . 23.24 -35.74 -11.82
C4 NAG C . 24.62 -35.13 -11.67
C5 NAG C . 24.72 -34.25 -10.43
C6 NAG C . 26.02 -33.49 -10.34
C7 NAG C . 19.87 -34.77 -12.52
C8 NAG C . 18.55 -35.49 -12.45
N2 NAG C . 20.84 -35.25 -11.75
O3 NAG C . 23.11 -36.38 -13.08
O4 NAG C . 25.59 -36.18 -11.55
O5 NAG C . 23.67 -33.28 -10.42
O6 NAG C . 26.20 -32.62 -11.46
O7 NAG C . 20.04 -33.80 -13.26
C1 BMA C . 26.75 -35.86 -12.32
C2 BMA C . 27.88 -36.81 -11.87
C3 BMA C . 29.13 -36.55 -12.69
C4 BMA C . 28.83 -36.59 -14.20
C5 BMA C . 27.63 -35.65 -14.54
C6 BMA C . 27.20 -35.76 -16.00
O2 BMA C . 27.50 -38.16 -12.12
O3 BMA C . 30.17 -37.48 -12.37
O4 BMA C . 29.97 -36.20 -14.94
O5 BMA C . 26.51 -36.00 -13.71
O6 BMA C . 26.14 -34.82 -16.22
C1 NAG D . -15.31 1.20 20.61
C2 NAG D . -16.43 1.88 21.43
C3 NAG D . -16.24 1.62 22.91
C4 NAG D . -16.08 0.13 23.18
C5 NAG D . -14.94 -0.42 22.34
C6 NAG D . -14.75 -1.92 22.49
C7 NAG D . -17.43 3.92 20.48
C8 NAG D . -17.30 5.40 20.33
N2 NAG D . -16.46 3.31 21.17
O3 NAG D . -17.37 2.12 23.62
O4 NAG D . -15.80 -0.10 24.57
O5 NAG D . -15.23 -0.19 20.95
O6 NAG D . -15.61 -2.64 21.63
O7 NAG D . -18.37 3.30 20.00
C1 NAG E . 1.34 -7.52 -34.73
C2 NAG E . 2.10 -6.91 -33.55
C3 NAG E . 3.50 -6.48 -33.97
C4 NAG E . 4.24 -7.67 -34.59
C5 NAG E . 3.43 -8.20 -35.77
C6 NAG E . 4.06 -9.40 -36.45
C7 NAG E . 0.55 -5.86 -31.95
C8 NAG E . -0.11 -4.59 -31.52
N2 NAG E . 1.37 -5.77 -33.00
O3 NAG E . 4.23 -5.99 -32.85
O4 NAG E . 5.54 -7.29 -35.01
O5 NAG E . 2.13 -8.60 -35.32
O6 NAG E . 4.04 -10.55 -35.60
O7 NAG E . 0.37 -6.92 -31.37
ZN ZN F . 7.25 1.00 2.25
C1 HJ5 G . 7.34 -3.12 1.77
C2 HJ5 G . 6.19 -4.00 2.26
C3 HJ5 G . 6.72 -5.27 2.97
C14 HJ5 G . 5.47 -2.10 -0.29
C15 HJ5 G . 4.81 -0.94 -1.01
C16 HJ5 G . 5.70 -0.43 -2.13
C17 HJ5 G . 5.15 0.79 -2.71
C20 HJ5 G . 3.54 -1.45 -1.63
C21 HJ5 G . 4.71 1.85 -3.27
C24 HJ5 G . 1.11 -1.33 -1.85
C25 HJ5 G . 0.19 -1.59 -0.66
C26 HJ5 G . 0.77 -2.67 0.24
C27 HJ5 G . 1.55 -2.32 1.35
C28 HJ5 G . 2.07 -3.32 2.15
C29 HJ5 G . 1.82 -4.66 1.88
C30 HJ5 G . 1.04 -4.99 0.78
C31 HJ5 G . 0.53 -4.00 -0.02
C32 HJ5 G . 0.46 -0.35 -2.79
C4 HJ5 G . 5.60 -6.23 3.24
C5 HJ5 G . 5.17 -7.10 2.24
C6 HJ5 G . 4.12 -7.98 2.47
C7 HJ5 G . 3.49 -8.02 3.71
C8 HJ5 G . 3.91 -7.15 4.71
C9 HJ5 G . 4.96 -6.27 4.46
N10 HJ5 G . 8.01 -2.49 2.91
N23 HJ5 G . 2.39 -0.83 -1.38
N34 HJ5 G . -0.13 -0.82 -3.99
O12 HJ5 G . 8.00 -1.03 0.15
O13 HJ5 G . 6.34 -0.63 1.85
O22 HJ5 G . 3.60 -2.46 -2.32
O33 HJ5 G . 0.42 0.83 -2.54
P11 HJ5 G . 6.82 -1.65 0.84
H1 HJ5 G . 8.06 -3.71 1.20
H22 HJ5 G . 5.56 -3.44 2.95
H2 HJ5 G . 5.57 -4.30 1.41
H32 HJ5 G . 7.48 -5.75 2.34
H3 HJ5 G . 7.19 -4.99 3.91
H141 HJ5 G . 4.70 -2.63 0.29
H14 HJ5 G . 5.85 -2.81 -1.03
H15 HJ5 G . 4.59 -0.13 -0.30
H16 HJ5 G . 5.79 -1.20 -2.90
H161 HJ5 G . 6.70 -0.22 -1.74
H21 HJ5 G . 4.38 2.64 -3.70
H24 HJ5 G . 1.28 -2.28 -2.38
H251 HJ5 G . 0.05 -0.67 -0.10
H25 HJ5 G . -0.79 -1.92 -1.03
H27 HJ5 G . 1.75 -1.28 1.57
H28 HJ5 G . 2.68 -3.06 3.01
H29 HJ5 G . 2.23 -5.44 2.52
H30 HJ5 G . 0.84 -6.03 0.55
H31 HJ5 G . -0.08 -4.27 -0.88
H5 HJ5 G . 5.66 -7.08 1.27
H6 HJ5 G . 3.80 -8.66 1.68
H7 HJ5 G . 2.68 -8.70 3.89
H8 HJ5 G . 3.43 -7.17 5.67
H9 HJ5 G . 5.28 -5.60 5.25
HN12 HJ5 G . 7.34 -1.89 3.42
HN10 HJ5 G . 8.80 -1.90 2.58
HN11 HJ5 G . 8.38 -3.22 3.54
HN23 HJ5 G . 2.40 0.00 -0.80
HN31 HJ5 G . -0.02 -1.84 -4.06
HN32 HJ5 G . 0.32 -0.37 -4.79
HN33 HJ5 G . -1.13 -0.59 -3.99
C1 B3P H . -17.41 7.15 1.47
C2 B3P H . -16.48 7.35 0.27
C3 B3P H . -18.83 6.73 1.06
N1 B3P H . -19.67 6.67 2.26
C4 B3P H . -21.09 6.39 2.08
C5 B3P H . -21.82 6.65 3.39
C6 B3P H . -21.71 7.22 0.96
C7 B3P H . -21.34 4.90 1.80
N2 B3P H . -15.10 7.43 0.77
C8 B3P H . -14.04 7.61 -0.23
C9 B3P H . -12.70 7.70 0.53
C10 B3P H . -14.26 8.89 -1.02
C11 B3P H . -13.96 6.43 -1.18
O1 B3P H . -11.64 8.01 -0.33
O2 B3P H . -14.28 9.96 -0.11
O3 B3P H . -14.01 5.24 -0.44
O4 B3P H . -21.03 6.11 4.41
O5 B3P H . -21.52 8.59 1.24
O6 B3P H . -20.77 4.61 0.58
H11 B3P H . -17.04 6.47 2.04
H12 B3P H . -17.46 7.99 1.96
H21 B3P H . -16.70 8.17 -0.19
H22 B3P H . -16.56 6.60 -0.35
H31 B3P H . -19.20 7.39 0.44
H32 B3P H . -18.80 5.86 0.63
HN1 B3P H . -19.58 7.43 2.72
H51 B3P H . -22.69 6.23 3.37
H52 B3P H . -21.92 7.60 3.51
H61 B3P H . -22.67 7.04 0.91
H62 B3P H . -21.29 7.00 0.12
H71 B3P H . -20.93 4.37 2.50
H72 B3P H . -22.30 4.73 1.78
HN2 B3P H . -15.05 8.07 1.38
H91 B3P H . -12.52 6.84 0.96
H92 B3P H . -12.77 8.39 1.21
H101 B3P H . -15.10 8.84 -1.49
H102 B3P H . -13.53 9.01 -1.65
H111 B3P H . -13.12 6.47 -1.68
H112 B3P H . -14.70 6.46 -1.81
HO1 B3P H . -11.43 8.84 -0.24
HO2 B3P H . -13.48 10.17 0.10
HO3 B3P H . -14.43 4.65 -0.88
HO4 B3P H . -21.52 5.99 5.10
HO5 B3P H . -21.98 9.06 0.70
HO6 B3P H . -20.68 3.77 0.51
C1 EDO I . 6.17 -15.72 9.02
O1 EDO I . 4.75 -15.76 9.23
C2 EDO I . 6.85 -16.23 10.28
O2 EDO I . 6.48 -15.34 11.34
H11 EDO I . 6.43 -16.36 8.17
H12 EDO I . 6.49 -14.71 8.80
HO1 EDO I . 4.29 -15.45 8.44
H21 EDO I . 6.53 -17.25 10.50
H22 EDO I . 7.93 -16.22 10.15
HO2 EDO I . 6.90 -15.63 12.16
C1 EDO J . -4.91 5.23 -17.85
O1 EDO J . -3.76 4.92 -17.05
C2 EDO J . -4.47 5.97 -19.11
O2 EDO J . -3.48 5.20 -19.84
H11 EDO J . -5.41 4.30 -18.12
H12 EDO J . -5.60 5.84 -17.27
HO1 EDO J . -4.04 4.46 -16.25
H21 EDO J . -5.34 6.13 -19.74
H22 EDO J . -4.06 6.93 -18.84
HO2 EDO J . -3.22 5.69 -20.63
C1 EDO K . 1.80 32.15 1.59
O1 EDO K . 2.26 32.67 2.84
C2 EDO K . 0.31 32.40 1.52
O2 EDO K . -0.25 31.78 0.40
H11 EDO K . 2.30 32.65 0.76
H12 EDO K . 2.01 31.08 1.53
HO1 EDO K . 3.21 32.53 2.92
H21 EDO K . -0.18 32.00 2.42
H22 EDO K . 0.12 33.48 1.48
HO2 EDO K . -1.20 31.96 0.37
C1 EDO L . -6.62 35.39 16.24
O1 EDO L . -5.28 35.06 16.53
C2 EDO L . -6.75 36.89 16.06
O2 EDO L . -8.08 37.27 15.85
H11 EDO L . -6.94 34.88 15.33
H12 EDO L . -7.27 35.05 17.06
HO1 EDO L . -5.20 34.10 16.64
H21 EDO L . -6.36 37.38 16.95
H22 EDO L . -6.14 37.20 15.22
HO2 EDO L . -8.13 38.23 15.74
C1 EDO M . 6.23 -15.52 16.60
O1 EDO M . 6.83 -14.24 16.72
C2 EDO M . 5.14 -15.72 17.65
O2 EDO M . 4.26 -16.74 17.19
H11 EDO M . 5.80 -15.64 15.60
H12 EDO M . 6.99 -16.29 16.72
HO1 EDO M . 7.52 -14.14 16.05
H21 EDO M . 5.59 -16.00 18.60
H22 EDO M . 4.59 -14.79 17.79
HO2 EDO M . 3.55 -16.88 17.84
C1 EDO N . 10.55 -21.98 4.01
O1 EDO N . 9.56 -22.78 3.42
C2 EDO N . 10.76 -20.67 3.29
O2 EDO N . 11.98 -20.16 3.79
H11 EDO N . 10.28 -21.77 5.05
H12 EDO N . 11.49 -22.53 4.03
HO1 EDO N . 9.46 -23.60 3.92
H21 EDO N . 10.83 -20.83 2.21
H22 EDO N . 9.95 -19.97 3.49
HO2 EDO N . 12.18 -19.32 3.37
C1 EDO O . -6.78 -14.23 14.65
O1 EDO O . -8.16 -14.50 14.76
C2 EDO O . -6.52 -13.37 13.42
O2 EDO O . -5.30 -12.68 13.61
H11 EDO O . -6.43 -13.71 15.54
H12 EDO O . -6.21 -15.16 14.56
HO1 EDO O . -8.31 -15.05 15.55
H21 EDO O . -6.47 -14.00 12.53
H22 EDO O . -7.34 -12.65 13.30
HO2 EDO O . -5.12 -12.12 12.84
C1 EDO P . 4.47 3.41 20.65
O1 EDO P . 4.40 4.81 20.95
C2 EDO P . 3.10 2.82 20.30
O2 EDO P . 2.80 1.66 21.08
H11 EDO P . 5.15 3.26 19.81
H12 EDO P . 4.89 2.87 21.51
HO1 EDO P . 5.28 5.14 21.16
H21 EDO P . 2.33 3.58 20.47
H22 EDO P . 3.08 2.56 19.24
HO2 EDO P . 1.93 1.32 20.82
C1 EDO Q . -7.72 37.68 6.69
O1 EDO Q . -6.90 38.68 6.12
C2 EDO Q . -6.97 37.30 7.93
O2 EDO Q . -7.79 36.95 9.02
H11 EDO Q . -8.71 38.08 6.93
H12 EDO Q . -7.82 36.82 6.02
HO1 EDO Q . -7.31 38.99 5.30
H21 EDO Q . -6.32 36.45 7.69
H22 EDO Q . -6.33 38.13 8.22
HO2 EDO Q . -7.24 36.72 9.78
C1 EDO R . 7.07 -10.98 16.08
O1 EDO R . 6.01 -11.84 16.48
C2 EDO R . 8.39 -11.56 16.50
O2 EDO R . 9.42 -10.78 15.94
H11 EDO R . 7.04 -10.85 14.99
H12 EDO R . 6.94 -10.00 16.53
HO1 EDO R . 5.17 -11.46 16.21
H21 EDO R . 8.47 -11.56 17.59
H22 EDO R . 8.48 -12.59 16.15
HO2 EDO R . 10.28 -11.14 16.20
C1 EDO S . -7.55 18.12 -16.85
O1 EDO S . -6.60 17.17 -17.33
C2 EDO S . -7.35 18.24 -15.35
O2 EDO S . -7.15 16.94 -14.83
H11 EDO S . -7.38 19.09 -17.33
H12 EDO S . -8.56 17.78 -17.07
HO1 EDO S . -6.70 17.06 -18.29
H21 EDO S . -6.48 18.87 -15.15
H22 EDO S . -8.23 18.71 -14.90
HO2 EDO S . -7.03 17.01 -13.87
C1 EDO T . -2.57 -2.93 15.60
O1 EDO T . -3.43 -3.41 16.63
C2 EDO T . -2.59 -3.92 14.44
O2 EDO T . -3.95 -4.28 14.19
H11 EDO T . -2.90 -1.94 15.26
H12 EDO T . -1.55 -2.83 15.98
HO1 EDO T . -3.42 -2.79 17.38
H21 EDO T . -2.16 -3.46 13.55
H22 EDO T . -2.02 -4.80 14.69
HO2 EDO T . -3.99 -4.90 13.45
C1 EDO U . -15.96 44.75 8.71
O1 EDO U . -16.40 44.90 7.36
C2 EDO U . -16.74 45.67 9.64
O2 EDO U . -17.46 44.93 10.62
H11 EDO U . -16.11 43.71 9.02
H12 EDO U . -14.90 44.97 8.78
HO1 EDO U . -15.89 44.30 6.79
H21 EDO U . -16.05 46.36 10.13
H22 EDO U . -17.45 46.27 9.05
HO2 EDO U . -17.94 45.52 11.20
C1 EDO V . -13.00 6.11 -33.49
O1 EDO V . -13.01 6.95 -32.33
C2 EDO V . -14.41 5.62 -33.78
O2 EDO V . -15.18 5.67 -32.57
H11 EDO V . -12.63 6.67 -34.35
H12 EDO V . -12.34 5.26 -33.32
HO1 EDO V . -12.11 7.26 -32.15
H21 EDO V . -14.88 6.26 -34.53
H22 EDO V . -14.38 4.60 -34.16
HO2 EDO V . -16.07 5.36 -32.74
C1 EDO W . -29.54 -5.63 -7.74
O1 EDO W . -30.87 -5.62 -8.27
C2 EDO W . -28.97 -7.04 -7.69
O2 EDO W . -28.71 -7.37 -6.32
H11 EDO W . -28.90 -5.00 -8.36
H12 EDO W . -29.54 -5.22 -6.74
HO1 EDO W . -31.20 -4.71 -8.28
H21 EDO W . -29.66 -7.75 -8.14
H22 EDO W . -28.03 -7.08 -8.27
HO2 EDO W . -28.34 -8.26 -6.27
C1 EDO X . 24.77 -26.25 4.23
O1 EDO X . 25.92 -25.84 4.97
C2 EDO X . 24.80 -25.62 2.85
O2 EDO X . 25.65 -26.40 2.00
H11 EDO X . 24.77 -27.34 4.14
H12 EDO X . 23.86 -25.96 4.76
HO1 EDO X . 25.91 -26.24 5.85
H21 EDO X . 23.79 -25.58 2.44
H22 EDO X . 25.19 -24.60 2.93
HO2 EDO X . 25.68 -26.00 1.12
C1 EDO Y . -11.64 46.02 1.52
O1 EDO Y . -10.55 45.61 0.71
C2 EDO Y . -11.72 47.53 1.64
O2 EDO Y . -12.07 48.06 0.35
H11 EDO Y . -12.57 45.64 1.09
H12 EDO Y . -11.53 45.59 2.52
HO1 EDO Y . -10.54 44.64 0.65
H21 EDO Y . -12.48 47.81 2.38
H22 EDO Y . -10.76 47.93 1.97
HO2 EDO Y . -12.12 49.02 0.41
C1 EDO Z . -6.50 40.21 17.71
O1 EDO Z . -7.68 40.02 16.92
C2 EDO Z . -5.72 41.48 17.34
O2 EDO Z . -6.47 42.30 16.43
H11 EDO Z . -6.78 40.26 18.77
H12 EDO Z . -5.85 39.34 17.59
HO1 EDO Z . -8.13 39.22 17.20
H21 EDO Z . -5.49 42.04 18.24
H22 EDO Z . -4.77 41.19 16.87
HO2 EDO Z . -5.95 43.08 16.21
C1 EDO AA . -5.68 0.55 -17.76
O1 EDO AA . -5.25 1.05 -19.02
C2 EDO AA . -4.72 0.94 -16.66
O2 EDO AA . -5.01 2.29 -16.24
H11 EDO AA . -6.68 0.94 -17.54
H12 EDO AA . -5.76 -0.54 -17.82
HO1 EDO AA . -5.88 0.79 -19.71
H21 EDO AA . -4.84 0.26 -15.81
H22 EDO AA . -3.69 0.88 -17.01
HO2 EDO AA . -4.41 2.55 -15.54
C1 EDO BA . -1.61 -1.56 2.63
O1 EDO BA . -2.98 -1.53 3.05
C2 EDO BA . -0.94 -0.19 2.81
O2 EDO BA . -1.91 0.86 2.68
H11 EDO BA . -1.07 -2.31 3.21
H12 EDO BA . -1.56 -1.85 1.58
HO1 EDO BA . -3.38 -2.40 2.92
H21 EDO BA . -0.48 -0.14 3.79
H22 EDO BA . -0.17 -0.07 2.06
HO2 EDO BA . -1.46 1.71 2.79
C1 EDO CA . -12.75 -23.50 6.76
O1 EDO CA . -13.36 -23.66 8.04
C2 EDO CA . -13.66 -22.65 5.88
O2 EDO CA . -14.43 -21.80 6.74
H11 EDO CA . -11.77 -23.01 6.86
H12 EDO CA . -12.59 -24.47 6.30
HO1 EDO CA . -12.78 -24.19 8.61
H21 EDO CA . -13.06 -22.04 5.19
H22 EDO CA . -14.33 -23.29 5.29
HO2 EDO CA . -15.03 -21.25 6.20
C1 EDO DA . 17.88 1.18 19.49
O1 EDO DA . 17.16 -0.04 19.71
C2 EDO DA . 19.16 0.86 18.76
O2 EDO DA . 19.66 2.04 18.13
H11 EDO DA . 17.27 1.87 18.90
H12 EDO DA . 18.10 1.65 20.46
HO1 EDO DA . 16.34 0.14 20.18
H21 EDO DA . 19.90 0.47 19.46
H22 EDO DA . 18.98 0.09 18.00
HO2 EDO DA . 20.48 1.83 17.67
C1 EDO EA . -34.14 1.50 2.87
O1 EDO EA . -35.00 0.78 1.98
C2 EDO EA . -33.46 0.52 3.79
O2 EDO EA . -32.11 0.29 3.37
H11 EDO EA . -33.40 2.06 2.30
H12 EDO EA . -34.74 2.21 3.45
HO1 EDO EA . -35.43 1.39 1.38
H21 EDO EA . -33.48 0.90 4.80
H22 EDO EA . -34.01 -0.42 3.78
HO2 EDO EA . -31.69 -0.33 3.97
C1 EDO FA . -0.23 -5.78 -4.53
O1 EDO FA . -1.48 -5.63 -5.22
C2 EDO FA . 0.18 -4.43 -4.00
O2 EDO FA . -0.98 -3.90 -3.35
H11 EDO FA . -0.34 -6.48 -3.70
H12 EDO FA . 0.53 -6.17 -5.22
HO1 EDO FA . -1.76 -6.49 -5.56
H21 EDO FA . 1.00 -4.53 -3.31
H22 EDO FA . 0.49 -3.78 -4.82
HO2 EDO FA . -0.77 -3.02 -2.99
C1 EDO GA . -12.69 6.78 -10.42
O1 EDO GA . -13.71 6.37 -9.50
C2 EDO GA . -11.53 7.36 -9.63
O2 EDO GA . -11.30 6.52 -8.48
H11 EDO GA . -12.35 5.93 -11.01
H12 EDO GA . -13.08 7.54 -11.10
HO1 EDO GA . -14.46 6.00 -10.00
H21 EDO GA . -10.62 7.38 -10.24
H22 EDO GA . -11.75 8.38 -9.31
HO2 EDO GA . -10.57 6.89 -7.95
C1 EDO HA . 19.91 -28.73 -1.16
O1 EDO HA . 18.79 -29.50 -0.69
C2 EDO HA . 21.01 -29.66 -1.67
O2 EDO HA . 20.72 -30.09 -3.01
H11 EDO HA . 19.57 -28.08 -1.99
H12 EDO HA . 20.28 -28.10 -0.36
HO1 EDO HA . 18.09 -28.91 -0.38
H21 EDO HA . 21.96 -29.13 -1.65
H22 EDO HA . 21.09 -30.53 -1.01
HO2 EDO HA . 21.43 -30.68 -3.31
C1 EDO IA . 10.65 -15.39 30.32
O1 EDO IA . 10.99 -16.78 30.27
C2 EDO IA . 10.13 -15.05 31.71
O2 EDO IA . 8.95 -15.81 31.96
H11 EDO IA . 11.54 -14.78 30.09
H12 EDO IA . 9.90 -15.16 29.57
HO1 EDO IA . 11.34 -17.00 29.40
H21 EDO IA . 10.89 -15.28 32.46
H22 EDO IA . 9.90 -13.98 31.77
HO2 EDO IA . 8.61 -15.61 32.83
C1 EDO JA . -4.10 -4.44 -26.56
O1 EDO JA . -3.00 -5.03 -27.25
C2 EDO JA . -4.74 -3.42 -27.48
O2 EDO JA . -3.72 -2.54 -27.99
H11 EDO JA . -4.83 -5.21 -26.30
H12 EDO JA . -3.76 -3.96 -25.64
HO1 EDO JA . -2.57 -5.69 -26.67
H21 EDO JA . -5.24 -3.92 -28.31
H22 EDO JA . -5.49 -2.83 -26.94
HO2 EDO JA . -4.12 -1.89 -28.58
C1 EDO KA . -6.35 -1.52 19.44
O1 EDO KA . -7.75 -1.66 19.15
C2 EDO KA . -5.97 -0.05 19.57
O2 EDO KA . -6.79 0.76 18.72
H11 EDO KA . -6.13 -2.05 20.37
H12 EDO KA . -5.77 -1.99 18.64
HO1 EDO KA . -7.98 -2.60 19.07
H21 EDO KA . -6.10 0.26 20.61
H22 EDO KA . -4.92 0.07 19.30
HO2 EDO KA . -6.52 1.68 18.82
C1 EDO LA . -3.16 11.11 22.69
O1 EDO LA . -3.30 10.34 23.89
C2 EDO LA . -2.83 12.55 23.03
O2 EDO LA . -1.43 12.69 23.29
H11 EDO LA . -2.35 10.69 22.08
H12 EDO LA . -4.08 11.07 22.10
HO1 EDO LA . -3.51 9.42 23.65
H21 EDO LA . -3.12 13.21 22.20
H22 EDO LA . -3.40 12.85 23.92
HO2 EDO LA . -1.22 13.61 23.51
C1 MLT MA . -18.20 0.01 -11.14
O1 MLT MA . -17.94 -0.97 -10.40
O2 MLT MA . -19.32 0.58 -11.08
C2 MLT MA . -17.16 0.49 -12.10
O3 MLT MA . -15.93 -0.16 -11.83
C3 MLT MA . -16.97 2.00 -12.02
C4 MLT MA . -15.94 2.35 -13.05
O4 MLT MA . -15.63 1.51 -13.91
O5 MLT MA . -15.37 3.46 -13.07
H2 MLT MA . -17.48 0.25 -13.11
HO3 MLT MA . -15.24 0.52 -11.65
H31 MLT MA . -17.91 2.51 -12.23
H32 MLT MA . -16.62 2.28 -11.02
O1 P6G NA . 0.92 31.98 4.72
C2 P6G NA . 1.22 31.65 6.04
C3 P6G NA . 1.68 32.87 6.85
O4 P6G NA . 1.09 32.81 8.12
C5 P6G NA . 0.16 33.83 8.32
C6 P6G NA . -0.94 33.42 9.29
O7 P6G NA . -2.11 34.12 8.97
C8 P6G NA . -1.88 35.48 8.69
C9 P6G NA . -3.07 36.34 9.03
O10 P6G NA . -3.80 35.75 10.05
C11 P6G NA . -5.01 35.15 9.71
C12 P6G NA . -5.75 34.65 10.93
O13 P6G NA . -4.86 34.02 11.79
C14 P6G NA . -4.76 34.65 13.03
C15 P6G NA . -4.04 35.98 12.87
O16 P6G NA . -4.94 37.05 12.89
C17 P6G NA . -4.45 38.12 13.64
C18 P6G NA . -5.49 39.23 13.72
O19 P6G NA . -5.34 39.89 14.95
H1 P6G NA . 0.80 32.82 4.66
H21 P6G NA . 0.44 31.26 6.46
H22 P6G NA . 1.94 30.99 6.05
H31 P6G NA . 2.64 32.86 6.94
H32 P6G NA . 1.40 33.68 6.39
H51 P6G NA . 0.61 34.60 8.68
H52 P6G NA . -0.24 34.05 7.48
H61 P6G NA . -1.10 32.47 9.22
H62 P6G NA . -0.67 33.64 10.20
H81 P6G NA . -1.12 35.78 9.21
H82 P6G NA . -1.68 35.58 7.75
H91 P6G NA . -2.75 37.21 9.32
H92 P6G NA . -3.63 36.44 8.24
H111 P6G NA . -5.56 35.81 9.26
H112 P6G NA . -4.84 34.41 9.11
H121 P6G NA . -6.18 35.39 11.39
H122 P6G NA . -6.43 34.02 10.65
H141 P6G NA . -5.65 34.80 13.39
H142 P6G NA . -4.27 34.08 13.64
H151 P6G NA . -3.40 36.10 13.59
H152 P6G NA . -3.56 35.99 12.02
H171 P6G NA . -4.24 37.81 14.54
H172 P6G NA . -3.65 38.46 13.21
H181 P6G NA . -5.35 39.86 12.99
H182 P6G NA . -6.38 38.84 13.66
H19 P6G NA . -6.09 39.90 15.36
O1 PG4 OA . -4.89 22.76 6.68
C1 PG4 OA . -4.17 22.82 7.86
C2 PG4 OA . -3.00 21.84 7.95
O2 PG4 OA . -1.97 22.20 7.05
C3 PG4 OA . -0.73 21.74 7.48
C4 PG4 OA . -0.10 22.70 8.48
O3 PG4 OA . -0.51 24.02 8.26
C5 PG4 OA . 0.08 24.97 9.12
C6 PG4 OA . -0.95 26.02 9.56
O4 PG4 OA . -1.40 25.79 10.88
C7 PG4 OA . -1.66 26.90 11.69
C8 PG4 OA . -0.53 27.11 12.71
O5 PG4 OA . -0.50 28.42 13.19
HO1 PG4 OA . -5.66 23.10 6.81
H11 PG4 OA . -3.82 23.72 7.96
H12 PG4 OA . -4.77 22.64 8.59
H21 PG4 OA . -2.63 21.85 8.85
H22 PG4 OA . -3.30 20.94 7.75
H31 PG4 OA . -0.83 20.87 7.90
H32 PG4 OA . -0.14 21.65 6.71
H41 PG4 OA . -0.35 22.43 9.37
H42 PG4 OA . 0.87 22.65 8.39
H51 PG4 OA . 0.42 24.52 9.90
H52 PG4 OA . 0.80 25.42 8.66
H61 PG4 OA . -0.54 26.90 9.52
H62 PG4 OA . -1.71 26.00 8.96
H71 PG4 OA . -1.74 27.68 11.13
H72 PG4 OA . -2.50 26.75 12.16
H81 PG4 OA . -0.67 26.50 13.46
H82 PG4 OA . 0.32 26.91 12.29
HO5 PG4 OA . 0.30 28.63 13.37
NA NA PA . -0.01 -8.40 1.58
NA NA QA . 5.86 -9.25 -1.05
NA NA RA . -6.54 -7.53 9.37
#